data_9UH2
#
_entry.id   9UH2
#
_cell.length_a   1.00
_cell.length_b   1.00
_cell.length_c   1.00
_cell.angle_alpha   90.00
_cell.angle_beta   90.00
_cell.angle_gamma   90.00
#
_symmetry.space_group_name_H-M   'P 1'
#
loop_
_entity.id
_entity.type
_entity.pdbx_description
1 polymer 'Propionyl-CoA carboxylase alpha chain, mitochondrial'
2 polymer 'Propionyl-CoA carboxylase beta chain, mitochondrial'
3 polymer 'Propionyl-CoA carboxylase beta chain, mitochondrial'
4 non-polymer BIOTIN
#
loop_
_entity_poly.entity_id
_entity_poly.type
_entity_poly.pdbx_seq_one_letter_code
_entity_poly.pdbx_strand_id
1 'polypeptide(L)'
;MAGFWVGTAPLVAAGRRGRWPPQQLMLSAALRTLKHVLYYSRQCLMVSRNLGSVGYDPNEKTFDKILVANRGEIACRVIR
TCKKMGIKTVAIHSDVDASSVHVKMADEAVCVGPAPTSKSYLNMDAIMEAIKKTRAQAVHPGYGFLSENKEFARCLAAED
VVFIGPDTHAIQAMGDKIESKLLAKKAEVNTIPGFDGVVKDAEEAVRIAREIGYPVMIKASAGGGGKGMRIAWDDEETRD
GFRLSSQEAASSFGDDRLLIEKFIDNPRHIEIQVLGDKHGNALWLNERECSIQRRNQKVVEEAPSIFLDAETRRAMGEQA
VALARAVKYSSAGTVEFLVDSKKNFYFLEMNTRLQVEHPVTECITGLDLVQEMIRVAKGYPLRHKQADIRINGWAVECRV
YAEDPYKSFGLPSIGRLSQYQEPLHLPGVRVDSGIQPGSDISIYYDPMISKLITYGSDRTEALKRMADALDNYVIRGVTH
NIALLREVIINSRFVKGDISTKFLSDVYPDGFKGHMLTKSEKNQLLAIASSLFVAFQLRAQHFQENSRMPVIKPDIANWE
LSVKLHDKVHTVVASNNGSVFSVEVDGSKLNVTSTWNLASPLLSVSVDGTQRTVQCLSREAGGNMSIQFLGTVYKVNILT
RLAAELNKFMLEKVTEDTSSVLRSPMPGVVVAVSVKPGDAVAEGQEICVIEAMKMQNSMTAGKTGTVKSVHCQAGDTVGE
GDLLVELE
;
A
2 'polypeptide(L)'
;DPSDRLVPELDTIVPLESTKAYNMVDIIHSVVDEREFFEIMPNYAKNIIVGFARMNGRTVGIVGNQPKVASGCLDINSSV
KGARFVRFCDAFNIPLITFVDVPGFLPGTAQEYGGIIRHGAKLLYAFAEATVPKVTVITRKAYGGAYDVMSSKHLCGDTN
YAWPTAEIAVMGAKGAVEIIFKGHENVEAAQAEYIEKFANPFPAAVRGFVDDIIQPSSTRARICCDLDVLASKKVQRPWR
KHANIPL
;
B
3 'polypeptide(L)'
;MAAALRVAAVGARLSVLASGLRAAVRSLCSQATSVNERIENKRRTALLGGGQRRIDAQHKRGKLTARERISLLLDPGSFV
ESDMFVEHRCADFGMAADKNKFPGDSVVTGRGRINGRLVYVFSQDFTVFGGSLSGAHAQKICKIMDQAITVGAPVIGLND
SGGARIQEGVESLAGYADIFLRNVTASGVIPQISLIMGPCAGGAVYSPALTDFTFMVKDTSYLFITGPDVVKSVTNEDVT
QEELGGAKTHTTMSGVAHRAFENDVDALCNLRDFFNYLPLSSQDPAPVRECH
;
F
#
loop_
_chem_comp.id
_chem_comp.type
_chem_comp.name
_chem_comp.formula
BTN non-polymer BIOTIN 'C10 H16 N2 O3 S'
#
# COMPACT_ATOMS: atom_id res chain seq x y z
N TYR A 56 -17.93 -35.53 13.88
CA TYR A 56 -18.86 -35.89 12.80
C TYR A 56 -18.18 -36.77 11.76
N ASP A 57 -18.99 -37.56 11.05
CA ASP A 57 -18.46 -38.49 10.07
C ASP A 57 -18.63 -37.91 8.68
N PRO A 58 -17.55 -37.57 7.97
CA PRO A 58 -17.67 -37.06 6.60
C PRO A 58 -18.01 -38.11 5.56
N ASN A 59 -18.08 -39.39 5.94
CA ASN A 59 -18.38 -40.45 4.98
C ASN A 59 -19.82 -40.41 4.51
N GLU A 60 -20.70 -39.70 5.22
CA GLU A 60 -22.09 -39.59 4.80
C GLU A 60 -22.20 -38.82 3.49
N LYS A 61 -23.18 -39.21 2.67
CA LYS A 61 -23.36 -38.61 1.36
C LYS A 61 -23.79 -37.16 1.50
N THR A 62 -22.89 -36.24 1.14
CA THR A 62 -23.21 -34.81 1.15
C THR A 62 -22.89 -34.21 -0.21
N PHE A 63 -22.97 -32.89 -0.33
CA PHE A 63 -22.72 -32.23 -1.61
C PHE A 63 -21.26 -32.38 -2.00
N ASP A 64 -21.00 -32.21 -3.30
CA ASP A 64 -19.64 -32.29 -3.82
C ASP A 64 -19.00 -30.91 -3.93
N LYS A 65 -19.74 -29.90 -4.39
CA LYS A 65 -19.21 -28.56 -4.52
C LYS A 65 -20.22 -27.56 -3.97
N ILE A 66 -19.71 -26.58 -3.21
CA ILE A 66 -20.51 -25.50 -2.65
C ILE A 66 -19.91 -24.18 -3.13
N LEU A 67 -20.74 -23.31 -3.67
CA LEU A 67 -20.31 -21.99 -4.10
C LEU A 67 -20.79 -20.95 -3.09
N VAL A 68 -19.85 -20.18 -2.54
CA VAL A 68 -20.17 -19.17 -1.54
C VAL A 68 -20.33 -17.83 -2.24
N ALA A 69 -21.52 -17.23 -2.09
CA ALA A 69 -21.88 -16.00 -2.79
C ALA A 69 -21.73 -14.77 -1.92
N ASN A 70 -20.72 -14.72 -1.06
CA ASN A 70 -20.53 -13.60 -0.15
C ASN A 70 -19.05 -13.25 -0.08
N ARG A 71 -18.70 -12.41 0.88
CA ARG A 71 -17.35 -11.88 1.00
C ARG A 71 -17.13 -11.46 2.45
N GLY A 72 -15.88 -11.54 2.90
CA GLY A 72 -15.54 -11.07 4.23
C GLY A 72 -15.18 -12.18 5.19
N GLU A 73 -15.71 -12.11 6.42
CA GLU A 73 -15.45 -13.16 7.39
C GLU A 73 -16.49 -14.26 7.32
N ILE A 74 -17.70 -13.96 6.85
CA ILE A 74 -18.71 -15.01 6.70
C ILE A 74 -18.29 -15.99 5.61
N ALA A 75 -17.72 -15.48 4.52
CA ALA A 75 -17.19 -16.35 3.49
C ALA A 75 -16.08 -17.24 4.04
N CYS A 76 -15.19 -16.66 4.85
CA CYS A 76 -14.12 -17.45 5.45
C CYS A 76 -14.67 -18.53 6.36
N ARG A 77 -15.68 -18.21 7.17
CA ARG A 77 -16.28 -19.18 8.07
C ARG A 77 -16.92 -20.32 7.29
N VAL A 78 -17.66 -20.00 6.23
CA VAL A 78 -18.31 -21.03 5.42
C VAL A 78 -17.25 -21.90 4.75
N ILE A 79 -16.19 -21.29 4.24
CA ILE A 79 -15.12 -22.05 3.59
C ILE A 79 -14.45 -22.99 4.59
N ARG A 80 -14.20 -22.50 5.81
CA ARG A 80 -13.59 -23.35 6.82
C ARG A 80 -14.48 -24.54 7.16
N THR A 81 -15.78 -24.29 7.34
CA THR A 81 -16.68 -25.39 7.67
C THR A 81 -16.78 -26.39 6.52
N CYS A 82 -16.81 -25.91 5.28
CA CYS A 82 -16.86 -26.80 4.12
C CYS A 82 -15.58 -27.64 4.03
N LYS A 83 -14.43 -27.02 4.30
CA LYS A 83 -13.17 -27.76 4.27
C LYS A 83 -13.14 -28.82 5.37
N LYS A 84 -13.67 -28.50 6.54
CA LYS A 84 -13.79 -29.50 7.60
C LYS A 84 -14.69 -30.65 7.16
N MET A 85 -15.82 -30.34 6.53
CA MET A 85 -16.76 -31.36 6.08
C MET A 85 -16.23 -32.20 4.93
N GLY A 86 -15.16 -31.76 4.28
CA GLY A 86 -14.65 -32.47 3.12
C GLY A 86 -15.47 -32.21 1.88
N ILE A 87 -15.59 -30.93 1.50
CA ILE A 87 -16.38 -30.51 0.35
C ILE A 87 -15.55 -29.53 -0.48
N LYS A 88 -15.66 -29.65 -1.80
CA LYS A 88 -15.04 -28.66 -2.68
C LYS A 88 -15.76 -27.32 -2.53
N THR A 89 -14.98 -26.25 -2.52
CA THR A 89 -15.51 -24.90 -2.31
C THR A 89 -15.13 -24.00 -3.47
N VAL A 90 -16.09 -23.18 -3.89
CA VAL A 90 -15.89 -22.18 -4.94
C VAL A 90 -16.22 -20.82 -4.34
N ALA A 91 -15.38 -19.83 -4.66
CA ALA A 91 -15.57 -18.48 -4.17
C ALA A 91 -15.78 -17.53 -5.35
N ILE A 92 -16.38 -16.39 -5.04
CA ILE A 92 -16.55 -15.31 -6.01
C ILE A 92 -16.01 -14.04 -5.38
N HIS A 93 -15.55 -13.11 -6.22
CA HIS A 93 -14.92 -11.91 -5.69
C HIS A 93 -15.04 -10.78 -6.71
N SER A 94 -14.89 -9.57 -6.20
CA SER A 94 -14.77 -8.37 -7.01
C SER A 94 -13.33 -8.23 -7.51
N ASP A 95 -13.14 -7.29 -8.45
CA ASP A 95 -11.80 -7.07 -9.00
C ASP A 95 -10.85 -6.57 -7.93
N VAL A 96 -11.31 -5.68 -7.05
CA VAL A 96 -10.47 -5.17 -5.98
C VAL A 96 -10.17 -6.24 -4.94
N ASP A 97 -11.01 -7.28 -4.84
CA ASP A 97 -10.86 -8.33 -3.85
C ASP A 97 -10.14 -9.55 -4.38
N ALA A 98 -9.20 -9.36 -5.30
CA ALA A 98 -8.50 -10.49 -5.89
C ALA A 98 -7.51 -11.14 -4.93
N SER A 99 -7.09 -10.42 -3.89
CA SER A 99 -6.09 -10.91 -2.95
C SER A 99 -6.65 -11.12 -1.55
N SER A 100 -7.96 -11.27 -1.42
CA SER A 100 -8.58 -11.44 -0.12
C SER A 100 -8.30 -12.83 0.44
N VAL A 101 -8.58 -13.00 1.74
CA VAL A 101 -8.28 -14.26 2.40
C VAL A 101 -9.22 -15.37 1.93
N HIS A 102 -10.51 -15.06 1.80
CA HIS A 102 -11.47 -16.06 1.34
C HIS A 102 -11.20 -16.46 -0.10
N VAL A 103 -10.66 -15.55 -0.91
CA VAL A 103 -10.29 -15.88 -2.28
C VAL A 103 -9.15 -16.90 -2.28
N LYS A 104 -8.17 -16.72 -1.40
CA LYS A 104 -7.00 -17.60 -1.40
C LYS A 104 -7.29 -18.95 -0.76
N MET A 105 -8.15 -19.01 0.26
CA MET A 105 -8.40 -20.30 0.90
C MET A 105 -9.24 -21.21 0.02
N ALA A 106 -10.17 -20.65 -0.74
CA ALA A 106 -11.07 -21.47 -1.54
C ALA A 106 -10.30 -22.13 -2.69
N ASP A 107 -10.84 -23.27 -3.15
CA ASP A 107 -10.18 -24.01 -4.22
C ASP A 107 -10.28 -23.27 -5.55
N GLU A 108 -11.45 -22.72 -5.85
CA GLU A 108 -11.69 -22.01 -7.10
C GLU A 108 -12.33 -20.66 -6.80
N ALA A 109 -11.80 -19.61 -7.41
CA ALA A 109 -12.34 -18.26 -7.26
C ALA A 109 -12.64 -17.70 -8.63
N VAL A 110 -13.85 -17.15 -8.80
CA VAL A 110 -14.31 -16.61 -10.07
C VAL A 110 -14.62 -15.13 -9.88
N CYS A 111 -13.95 -14.27 -10.65
CA CYS A 111 -14.24 -12.85 -10.60
C CYS A 111 -15.64 -12.58 -11.14
N VAL A 112 -16.27 -11.53 -10.61
CA VAL A 112 -17.65 -11.24 -10.97
C VAL A 112 -17.75 -9.89 -11.64
N GLY A 113 -16.85 -8.97 -11.28
CA GLY A 113 -16.84 -7.67 -11.92
C GLY A 113 -16.16 -6.56 -11.13
N PRO A 114 -16.77 -5.37 -11.16
CA PRO A 114 -16.12 -4.19 -10.58
C PRO A 114 -16.13 -4.15 -9.07
N ALA A 115 -15.70 -3.03 -8.50
CA ALA A 115 -15.65 -2.82 -7.06
C ALA A 115 -17.00 -2.42 -6.46
N PRO A 116 -17.73 -1.45 -7.01
CA PRO A 116 -18.99 -1.03 -6.37
C PRO A 116 -19.98 -2.18 -6.25
N THR A 117 -20.34 -2.50 -4.99
CA THR A 117 -21.14 -3.68 -4.71
C THR A 117 -22.56 -3.58 -5.25
N SER A 118 -23.02 -2.38 -5.61
CA SER A 118 -24.39 -2.25 -6.11
C SER A 118 -24.59 -3.06 -7.38
N LYS A 119 -23.53 -3.28 -8.16
CA LYS A 119 -23.59 -4.15 -9.32
C LYS A 119 -22.34 -5.02 -9.45
N SER A 120 -21.76 -5.40 -8.30
CA SER A 120 -20.63 -6.32 -8.26
C SER A 120 -21.00 -7.64 -7.59
N TYR A 121 -21.48 -7.61 -6.35
CA TYR A 121 -21.84 -8.83 -5.63
C TYR A 121 -23.32 -9.16 -5.77
N LEU A 122 -24.11 -8.30 -6.38
CA LEU A 122 -25.54 -8.55 -6.60
C LEU A 122 -25.85 -8.84 -8.06
N ASN A 123 -24.84 -9.10 -8.88
CA ASN A 123 -25.07 -9.45 -10.28
C ASN A 123 -25.65 -10.85 -10.36
N MET A 124 -26.95 -10.94 -10.61
CA MET A 124 -27.62 -12.23 -10.70
C MET A 124 -27.08 -13.03 -11.87
N ASP A 125 -26.94 -12.39 -13.03
CA ASP A 125 -26.52 -13.09 -14.25
C ASP A 125 -25.11 -13.63 -14.12
N ALA A 126 -24.19 -12.83 -13.56
CA ALA A 126 -22.81 -13.28 -13.41
C ALA A 126 -22.70 -14.46 -12.47
N ILE A 127 -23.45 -14.42 -11.36
CA ILE A 127 -23.42 -15.53 -10.41
C ILE A 127 -24.02 -16.79 -11.03
N MET A 128 -25.12 -16.63 -11.78
CA MET A 128 -25.71 -17.79 -12.44
C MET A 128 -24.76 -18.38 -13.48
N GLU A 129 -24.06 -17.52 -14.22
CA GLU A 129 -23.08 -18.00 -15.18
C GLU A 129 -21.94 -18.72 -14.48
N ALA A 130 -21.48 -18.22 -13.33
CA ALA A 130 -20.44 -18.90 -12.57
C ALA A 130 -20.92 -20.26 -12.09
N ILE A 131 -22.18 -20.34 -11.66
CA ILE A 131 -22.75 -21.62 -11.24
C ILE A 131 -22.76 -22.61 -12.40
N LYS A 132 -23.21 -22.14 -13.57
CA LYS A 132 -23.26 -23.01 -14.73
C LYS A 132 -21.87 -23.46 -15.17
N LYS A 133 -20.88 -22.57 -15.04
CA LYS A 133 -19.52 -22.91 -15.45
C LYS A 133 -18.86 -23.89 -14.49
N THR A 134 -19.01 -23.67 -13.18
CA THR A 134 -18.31 -24.46 -12.19
C THR A 134 -19.01 -25.78 -11.87
N ARG A 135 -20.27 -25.96 -12.31
CA ARG A 135 -21.03 -27.18 -12.06
C ARG A 135 -21.14 -27.48 -10.56
N ALA A 136 -21.42 -26.44 -9.77
CA ALA A 136 -21.65 -26.58 -8.34
C ALA A 136 -23.15 -26.63 -8.09
N GLN A 137 -23.58 -27.59 -7.28
CA GLN A 137 -24.99 -27.88 -7.10
C GLN A 137 -25.61 -27.27 -5.85
N ALA A 138 -24.88 -26.40 -5.15
CA ALA A 138 -25.42 -25.76 -3.96
C ALA A 138 -24.70 -24.45 -3.70
N VAL A 139 -25.44 -23.48 -3.15
CA VAL A 139 -24.93 -22.14 -2.89
C VAL A 139 -25.28 -21.73 -1.46
N HIS A 140 -24.30 -21.16 -0.76
CA HIS A 140 -24.53 -20.61 0.57
C HIS A 140 -24.46 -19.08 0.49
N PRO A 141 -25.56 -18.37 0.73
CA PRO A 141 -25.53 -16.90 0.61
C PRO A 141 -25.02 -16.18 1.84
N GLY A 142 -24.75 -16.90 2.94
CA GLY A 142 -24.35 -16.23 4.17
C GLY A 142 -25.45 -15.34 4.69
N TYR A 143 -25.06 -14.14 5.13
CA TYR A 143 -26.02 -13.12 5.53
C TYR A 143 -25.75 -11.84 4.78
N GLY A 144 -26.82 -11.12 4.45
CA GLY A 144 -26.70 -9.94 3.62
C GLY A 144 -26.72 -10.29 2.15
N PHE A 145 -26.58 -9.25 1.33
CA PHE A 145 -26.56 -9.37 -0.12
C PHE A 145 -27.82 -10.04 -0.65
N LEU A 146 -27.68 -11.28 -1.14
CA LEU A 146 -28.78 -11.99 -1.79
C LEU A 146 -29.36 -13.10 -0.92
N SER A 147 -29.06 -13.11 0.37
CA SER A 147 -29.55 -14.18 1.24
C SER A 147 -31.06 -14.19 1.37
N GLU A 148 -31.72 -13.04 1.24
CA GLU A 148 -33.16 -12.91 1.37
C GLU A 148 -33.76 -12.36 0.09
N ASN A 149 -33.35 -12.90 -1.05
CA ASN A 149 -33.74 -12.37 -2.36
C ASN A 149 -34.62 -13.40 -3.06
N LYS A 150 -35.88 -13.03 -3.29
CA LYS A 150 -36.82 -13.92 -3.98
C LYS A 150 -36.41 -14.16 -5.42
N GLU A 151 -35.97 -13.11 -6.11
CA GLU A 151 -35.60 -13.24 -7.52
C GLU A 151 -34.43 -14.20 -7.71
N PHE A 152 -33.42 -14.09 -6.85
CA PHE A 152 -32.27 -14.99 -6.93
C PHE A 152 -32.71 -16.44 -6.74
N ALA A 153 -33.54 -16.69 -5.73
CA ALA A 153 -33.98 -18.06 -5.45
C ALA A 153 -34.81 -18.63 -6.60
N ARG A 154 -35.72 -17.83 -7.14
CA ARG A 154 -36.56 -18.33 -8.22
C ARG A 154 -35.76 -18.54 -9.50
N CYS A 155 -34.74 -17.70 -9.75
CA CYS A 155 -33.89 -17.90 -10.91
C CYS A 155 -33.01 -19.13 -10.75
N LEU A 156 -32.54 -19.38 -9.52
CA LEU A 156 -31.63 -20.50 -9.28
C LEU A 156 -32.35 -21.84 -9.16
N ALA A 157 -33.63 -21.83 -8.81
CA ALA A 157 -34.35 -23.10 -8.67
C ALA A 157 -34.58 -23.77 -10.03
N ALA A 158 -34.45 -23.02 -11.13
CA ALA A 158 -34.73 -23.57 -12.45
C ALA A 158 -33.67 -24.56 -12.91
N GLU A 159 -32.43 -24.43 -12.44
CA GLU A 159 -31.34 -25.27 -12.92
C GLU A 159 -31.05 -26.46 -12.02
N ASP A 160 -32.00 -26.85 -11.17
CA ASP A 160 -31.85 -28.00 -10.28
C ASP A 160 -30.63 -27.85 -9.37
N VAL A 161 -30.56 -26.70 -8.72
CA VAL A 161 -29.51 -26.38 -7.74
C VAL A 161 -30.19 -26.02 -6.44
N VAL A 162 -29.79 -26.67 -5.36
CA VAL A 162 -30.45 -26.48 -4.07
C VAL A 162 -29.96 -25.18 -3.43
N PHE A 163 -30.79 -24.65 -2.53
CA PHE A 163 -30.51 -23.41 -1.82
C PHE A 163 -30.38 -23.72 -0.34
N ILE A 164 -29.23 -23.37 0.25
CA ILE A 164 -29.02 -23.52 1.68
C ILE A 164 -29.68 -22.32 2.35
N GLY A 165 -30.90 -22.52 2.84
CA GLY A 165 -31.67 -21.46 3.44
C GLY A 165 -33.14 -21.82 3.48
N PRO A 166 -33.96 -20.95 4.07
CA PRO A 166 -35.39 -21.24 4.17
C PRO A 166 -36.08 -21.12 2.83
N ASP A 167 -37.26 -21.73 2.75
CA ASP A 167 -38.08 -21.62 1.55
C ASP A 167 -38.60 -20.20 1.39
N THR A 168 -38.95 -19.85 0.15
CA THR A 168 -39.40 -18.50 -0.15
C THR A 168 -40.71 -18.16 0.54
N HIS A 169 -41.50 -19.17 0.94
CA HIS A 169 -42.75 -18.88 1.64
C HIS A 169 -42.49 -18.19 2.98
N ALA A 170 -41.49 -18.65 3.72
CA ALA A 170 -41.14 -18.00 4.97
C ALA A 170 -40.66 -16.56 4.74
N ILE A 171 -39.85 -16.37 3.69
CA ILE A 171 -39.34 -15.02 3.40
C ILE A 171 -40.50 -14.08 3.09
N GLN A 172 -41.44 -14.53 2.25
CA GLN A 172 -42.54 -13.66 1.87
C GLN A 172 -43.52 -13.44 3.03
N ALA A 173 -43.70 -14.44 3.90
CA ALA A 173 -44.57 -14.27 5.05
C ALA A 173 -43.93 -13.42 6.14
N MET A 174 -42.60 -13.29 6.13
CA MET A 174 -41.96 -12.37 7.06
C MET A 174 -41.70 -10.99 6.45
N GLY A 175 -41.84 -10.85 5.13
CA GLY A 175 -41.56 -9.56 4.50
C GLY A 175 -42.52 -8.46 4.91
N ASP A 176 -43.82 -8.77 4.92
CA ASP A 176 -44.86 -7.78 5.22
C ASP A 176 -45.24 -7.85 6.69
N LYS A 177 -45.38 -6.69 7.32
CA LYS A 177 -45.60 -6.63 8.76
C LYS A 177 -47.03 -6.99 9.15
N ILE A 178 -48.02 -6.58 8.35
CA ILE A 178 -49.42 -6.76 8.74
C ILE A 178 -49.78 -8.24 8.73
N GLU A 179 -49.47 -8.94 7.65
CA GLU A 179 -49.79 -10.36 7.58
C GLU A 179 -48.92 -11.19 8.50
N SER A 180 -47.67 -10.76 8.76
CA SER A 180 -46.85 -11.44 9.75
C SER A 180 -47.47 -11.30 11.15
N LYS A 181 -47.98 -10.11 11.48
CA LYS A 181 -48.66 -9.92 12.76
C LYS A 181 -49.92 -10.76 12.84
N LEU A 182 -50.67 -10.86 11.74
CA LEU A 182 -51.86 -11.71 11.73
C LEU A 182 -51.47 -13.17 11.96
N LEU A 183 -50.40 -13.62 11.32
CA LEU A 183 -49.93 -14.99 11.52
C LEU A 183 -49.48 -15.22 12.96
N ALA A 184 -48.81 -14.22 13.55
CA ALA A 184 -48.42 -14.33 14.96
C ALA A 184 -49.65 -14.44 15.86
N LYS A 185 -50.70 -13.67 15.56
CA LYS A 185 -51.96 -13.84 16.27
C LYS A 185 -52.49 -15.26 16.10
N LYS A 186 -52.39 -15.80 14.89
CA LYS A 186 -52.80 -17.19 14.66
C LYS A 186 -51.87 -18.17 15.37
N ALA A 187 -50.58 -17.83 15.50
CA ALA A 187 -49.59 -18.74 16.05
C ALA A 187 -49.56 -18.73 17.58
N GLU A 188 -50.62 -18.25 18.22
CA GLU A 188 -50.78 -18.22 19.68
C GLU A 188 -49.49 -17.80 20.40
N VAL A 189 -48.85 -16.77 19.84
CA VAL A 189 -47.67 -16.16 20.45
C VAL A 189 -48.03 -14.73 20.83
N ASN A 190 -47.67 -14.34 22.05
CA ASN A 190 -48.06 -13.03 22.55
C ASN A 190 -47.34 -11.92 21.80
N THR A 191 -48.07 -10.82 21.58
CA THR A 191 -47.54 -9.64 20.92
C THR A 191 -47.71 -8.45 21.84
N ILE A 192 -47.47 -7.26 21.29
CA ILE A 192 -47.72 -6.03 22.03
C ILE A 192 -49.22 -5.95 22.30
N PRO A 193 -49.64 -5.89 23.56
CA PRO A 193 -51.09 -5.86 23.86
C PRO A 193 -51.77 -4.56 23.49
N GLY A 194 -51.09 -3.66 22.77
CA GLY A 194 -51.60 -2.36 22.44
C GLY A 194 -52.96 -2.32 21.78
N PHE A 195 -53.79 -1.35 22.19
CA PHE A 195 -55.09 -1.15 21.59
C PHE A 195 -54.93 -0.82 20.11
N ASP A 196 -55.84 -1.37 19.29
CA ASP A 196 -55.80 -1.17 17.84
C ASP A 196 -57.09 -0.62 17.28
N GLY A 197 -57.90 0.07 18.08
CA GLY A 197 -59.18 0.58 17.62
C GLY A 197 -59.21 2.07 17.36
N VAL A 198 -60.25 2.73 17.87
CA VAL A 198 -60.49 4.15 17.61
C VAL A 198 -60.89 4.83 18.91
N VAL A 199 -60.33 6.02 19.14
CA VAL A 199 -60.68 6.84 20.30
C VAL A 199 -60.93 8.27 19.83
N LYS A 200 -62.20 8.63 19.67
CA LYS A 200 -62.56 9.95 19.16
C LYS A 200 -62.85 10.98 20.25
N ASP A 201 -62.87 10.57 21.52
CA ASP A 201 -63.15 11.51 22.60
C ASP A 201 -62.47 11.02 23.89
N ALA A 202 -62.31 11.95 24.84
CA ALA A 202 -61.51 11.68 26.02
C ALA A 202 -62.10 10.56 26.87
N GLU A 203 -63.43 10.49 26.94
CA GLU A 203 -64.07 9.41 27.69
C GLU A 203 -63.75 8.05 27.07
N GLU A 204 -63.62 7.98 25.74
CA GLU A 204 -63.16 6.73 25.14
C GLU A 204 -61.72 6.43 25.56
N ALA A 205 -60.89 7.47 25.67
CA ALA A 205 -59.51 7.26 26.11
C ALA A 205 -59.46 6.68 27.51
N VAL A 206 -60.26 7.24 28.43
CA VAL A 206 -60.27 6.73 29.80
C VAL A 206 -60.89 5.33 29.86
N ARG A 207 -61.86 5.05 28.98
CA ARG A 207 -62.44 3.72 28.93
C ARG A 207 -61.40 2.68 28.50
N ILE A 208 -60.65 2.98 27.44
CA ILE A 208 -59.58 2.07 27.03
C ILE A 208 -58.52 1.97 28.12
N ALA A 209 -58.24 3.08 28.81
CA ALA A 209 -57.28 3.08 29.89
C ALA A 209 -57.67 2.13 31.02
N ARG A 210 -58.94 2.13 31.43
CA ARG A 210 -59.39 1.21 32.47
C ARG A 210 -59.63 -0.19 31.96
N GLU A 211 -59.83 -0.37 30.65
CA GLU A 211 -60.05 -1.71 30.11
C GLU A 211 -58.74 -2.47 29.96
N ILE A 212 -57.78 -1.91 29.21
CA ILE A 212 -56.56 -2.64 28.92
C ILE A 212 -55.41 -2.25 29.84
N GLY A 213 -55.65 -1.45 30.87
CA GLY A 213 -54.59 -1.07 31.78
C GLY A 213 -53.88 0.20 31.32
N TYR A 214 -53.46 1.00 32.29
CA TYR A 214 -52.86 2.31 32.03
C TYR A 214 -51.59 2.58 32.83
N PRO A 215 -50.54 1.77 32.67
CA PRO A 215 -49.20 2.16 33.15
C PRO A 215 -48.23 2.66 32.07
N VAL A 216 -48.69 2.90 30.84
CA VAL A 216 -47.82 2.80 29.66
C VAL A 216 -47.85 4.05 28.79
N MET A 217 -46.96 4.17 27.81
CA MET A 217 -47.03 5.35 26.95
C MET A 217 -48.12 5.15 25.91
N ILE A 218 -48.71 6.27 25.50
CA ILE A 218 -49.80 6.29 24.53
C ILE A 218 -49.23 6.18 23.13
N LYS A 219 -50.02 5.64 22.19
CA LYS A 219 -49.72 5.69 20.77
C LYS A 219 -50.92 6.31 20.09
N ALA A 220 -50.78 6.63 18.80
CA ALA A 220 -51.88 7.27 18.09
C ALA A 220 -52.06 6.68 16.69
N SER A 221 -51.95 5.36 16.57
CA SER A 221 -52.04 4.68 15.28
C SER A 221 -51.13 5.36 14.26
N ALA A 222 -51.71 6.15 13.36
CA ALA A 222 -50.93 6.96 12.44
C ALA A 222 -50.40 8.20 13.15
N GLY A 223 -49.18 8.12 13.69
CA GLY A 223 -48.61 9.26 14.40
C GLY A 223 -47.93 8.83 15.68
N GLY A 224 -46.74 9.37 15.90
CA GLY A 224 -45.98 9.09 17.09
C GLY A 224 -44.89 10.12 17.31
N GLY A 225 -44.15 9.93 18.41
CA GLY A 225 -43.06 10.83 18.74
C GLY A 225 -43.52 12.25 19.02
N GLY A 226 -44.32 12.43 20.06
CA GLY A 226 -44.84 13.73 20.42
C GLY A 226 -46.31 13.88 20.08
N LYS A 227 -46.79 13.06 19.16
CA LYS A 227 -48.19 13.10 18.74
C LYS A 227 -49.01 12.29 19.73
N GLY A 228 -49.30 12.90 20.87
CA GLY A 228 -50.06 12.22 21.91
C GLY A 228 -49.26 11.31 22.82
N MET A 229 -47.94 11.31 22.66
CA MET A 229 -47.11 10.42 23.45
C MET A 229 -47.12 10.86 24.91
N ARG A 230 -47.88 10.13 25.74
CA ARG A 230 -48.02 10.48 27.14
C ARG A 230 -47.68 9.27 27.99
N ILE A 231 -47.12 9.53 29.17
CA ILE A 231 -46.82 8.48 30.13
C ILE A 231 -48.08 8.19 30.94
N ALA A 232 -48.53 6.94 30.91
CA ALA A 232 -49.84 6.55 31.38
C ALA A 232 -49.82 6.03 32.80
N TRP A 233 -50.33 6.84 33.73
CA TRP A 233 -50.56 6.46 35.12
C TRP A 233 -51.92 6.95 35.61
N ASP A 234 -52.55 7.86 34.86
CA ASP A 234 -53.79 8.48 35.32
C ASP A 234 -54.55 9.02 34.11
N ASP A 235 -55.85 9.28 34.31
CA ASP A 235 -56.72 9.67 33.19
C ASP A 235 -56.47 11.09 32.69
N GLU A 236 -55.80 11.92 33.49
CA GLU A 236 -55.53 13.29 33.05
C GLU A 236 -54.68 13.29 31.79
N GLU A 237 -53.67 12.43 31.74
CA GLU A 237 -52.87 12.34 30.53
C GLU A 237 -53.63 11.66 29.40
N THR A 238 -54.64 10.82 29.72
CA THR A 238 -55.53 10.36 28.66
C THR A 238 -56.17 11.54 27.95
N ARG A 239 -56.78 12.44 28.72
CA ARG A 239 -57.46 13.58 28.11
C ARG A 239 -56.47 14.50 27.38
N ASP A 240 -55.31 14.74 27.99
CA ASP A 240 -54.32 15.62 27.39
C ASP A 240 -53.80 15.04 26.07
N GLY A 241 -53.41 13.77 26.08
CA GLY A 241 -52.98 13.13 24.85
C GLY A 241 -54.06 13.10 23.81
N PHE A 242 -55.32 12.89 24.23
CA PHE A 242 -56.42 12.91 23.28
C PHE A 242 -56.51 14.25 22.57
N ARG A 243 -56.55 15.35 23.33
CA ARG A 243 -56.72 16.64 22.68
C ARG A 243 -55.52 16.99 21.81
N LEU A 244 -54.30 16.73 22.31
CA LEU A 244 -53.11 17.06 21.53
C LEU A 244 -53.04 16.25 20.24
N SER A 245 -53.25 14.93 20.35
CA SER A 245 -53.18 14.08 19.17
C SER A 245 -54.30 14.38 18.18
N SER A 246 -55.50 14.70 18.69
CA SER A 246 -56.59 15.06 17.80
C SER A 246 -56.29 16.33 17.03
N GLN A 247 -55.73 17.34 17.71
CA GLN A 247 -55.36 18.57 17.03
C GLN A 247 -54.28 18.32 15.99
N GLU A 248 -53.25 17.54 16.36
CA GLU A 248 -52.16 17.29 15.43
C GLU A 248 -52.62 16.49 14.22
N ALA A 249 -53.52 15.52 14.44
CA ALA A 249 -54.05 14.74 13.32
C ALA A 249 -54.92 15.61 12.43
N ALA A 250 -55.79 16.44 13.02
CA ALA A 250 -56.61 17.36 12.23
C ALA A 250 -55.72 18.30 11.42
N SER A 251 -54.51 18.58 11.92
CA SER A 251 -53.56 19.34 11.12
C SER A 251 -52.96 18.49 9.99
N SER A 252 -52.38 17.34 10.32
CA SER A 252 -51.70 16.55 9.30
C SER A 252 -52.28 15.16 9.10
N PHE A 253 -52.38 14.37 10.18
CA PHE A 253 -52.68 12.94 10.04
C PHE A 253 -54.13 12.72 9.61
N GLY A 254 -55.08 13.37 10.27
CA GLY A 254 -56.49 13.25 9.93
C GLY A 254 -57.27 12.25 10.76
N ASP A 255 -56.60 11.40 11.54
CA ASP A 255 -57.30 10.40 12.35
C ASP A 255 -57.18 10.81 13.82
N ASP A 256 -58.31 11.25 14.38
CA ASP A 256 -58.35 11.68 15.78
C ASP A 256 -58.33 10.50 16.75
N ARG A 257 -58.27 9.28 16.25
CA ARG A 257 -58.27 8.09 17.10
C ARG A 257 -56.95 8.01 17.89
N LEU A 258 -57.01 7.27 19.01
CA LEU A 258 -55.85 7.05 19.85
C LEU A 258 -55.73 5.57 20.19
N LEU A 259 -54.50 5.16 20.51
CA LEU A 259 -54.20 3.78 20.85
C LEU A 259 -53.39 3.73 22.14
N ILE A 260 -53.41 2.59 22.84
CA ILE A 260 -52.63 2.46 24.06
C ILE A 260 -51.74 1.23 23.95
N GLU A 261 -50.51 1.42 23.48
CA GLU A 261 -49.53 0.33 23.38
C GLU A 261 -48.68 0.24 24.64
N LYS A 262 -48.64 -0.94 25.25
CA LYS A 262 -47.95 -1.15 26.52
C LYS A 262 -46.46 -0.85 26.43
N PHE A 263 -45.88 -0.36 27.51
CA PHE A 263 -44.54 0.19 27.44
C PHE A 263 -43.51 -0.91 27.25
N ILE A 264 -42.33 -0.50 26.78
CA ILE A 264 -41.17 -1.37 26.77
C ILE A 264 -40.04 -0.59 27.43
N ASP A 265 -40.41 0.37 28.28
CA ASP A 265 -39.47 1.24 28.97
C ASP A 265 -38.33 0.45 29.59
N ASN A 266 -37.12 0.97 29.49
CA ASN A 266 -35.89 0.21 29.78
C ASN A 266 -35.89 -1.11 29.01
N PRO A 267 -35.96 -1.05 27.67
CA PRO A 267 -36.11 -2.27 26.89
C PRO A 267 -34.82 -3.09 26.86
N ARG A 268 -34.99 -4.40 26.72
CA ARG A 268 -33.88 -5.29 26.44
C ARG A 268 -34.25 -6.22 25.29
N HIS A 269 -33.31 -6.40 24.37
CA HIS A 269 -33.54 -7.13 23.14
C HIS A 269 -33.11 -8.58 23.34
N ILE A 270 -34.05 -9.51 23.14
CA ILE A 270 -33.79 -10.94 23.34
C ILE A 270 -33.97 -11.64 22.01
N GLU A 271 -33.00 -12.49 21.66
CA GLU A 271 -33.03 -13.24 20.41
C GLU A 271 -33.05 -14.73 20.73
N ILE A 272 -33.89 -15.47 20.02
CA ILE A 272 -33.95 -16.92 20.12
C ILE A 272 -33.51 -17.51 18.79
N GLN A 273 -32.49 -18.36 18.83
CA GLN A 273 -31.95 -19.00 17.64
C GLN A 273 -32.65 -20.34 17.42
N VAL A 274 -33.30 -20.50 16.27
CA VAL A 274 -34.14 -21.65 15.97
C VAL A 274 -33.55 -22.38 14.77
N LEU A 275 -33.46 -23.69 14.86
CA LEU A 275 -32.99 -24.53 13.77
C LEU A 275 -34.03 -25.61 13.48
N GLY A 276 -34.44 -25.72 12.22
CA GLY A 276 -35.49 -26.66 11.88
C GLY A 276 -35.36 -27.31 10.53
N ASP A 277 -35.47 -28.63 10.47
CA ASP A 277 -35.39 -29.35 9.21
C ASP A 277 -36.75 -29.27 8.49
N LYS A 278 -36.86 -29.96 7.37
CA LYS A 278 -38.08 -29.94 6.56
C LYS A 278 -39.04 -31.06 6.89
N HIS A 279 -38.76 -31.85 7.94
CA HIS A 279 -39.65 -32.92 8.37
C HIS A 279 -40.52 -32.53 9.54
N GLY A 280 -40.57 -31.25 9.90
CA GLY A 280 -41.40 -30.78 10.98
C GLY A 280 -40.74 -30.73 12.34
N ASN A 281 -39.42 -30.92 12.41
CA ASN A 281 -38.71 -30.87 13.68
C ASN A 281 -38.03 -29.51 13.82
N ALA A 282 -38.22 -28.87 14.98
CA ALA A 282 -37.62 -27.57 15.26
C ALA A 282 -37.02 -27.57 16.65
N LEU A 283 -35.90 -26.87 16.81
CA LEU A 283 -35.22 -26.74 18.09
C LEU A 283 -34.92 -25.28 18.36
N TRP A 284 -35.02 -24.89 19.62
CA TRP A 284 -34.55 -23.58 20.07
C TRP A 284 -33.21 -23.73 20.76
N LEU A 285 -32.34 -22.75 20.55
CA LEU A 285 -30.94 -22.84 20.96
C LEU A 285 -30.59 -21.77 21.98
N ASN A 286 -31.42 -21.63 23.01
CA ASN A 286 -31.24 -20.63 24.07
C ASN A 286 -31.42 -19.23 23.51
N GLU A 287 -30.90 -18.23 24.21
CA GLU A 287 -31.17 -16.84 23.89
C GLU A 287 -29.88 -16.05 23.77
N ARG A 288 -30.04 -14.80 23.32
CA ARG A 288 -28.96 -13.83 23.23
C ARG A 288 -29.50 -12.46 23.60
N GLU A 289 -28.61 -11.60 24.10
CA GLU A 289 -28.95 -10.21 24.40
C GLU A 289 -28.03 -9.29 23.61
N CYS A 290 -28.64 -8.35 22.88
CA CYS A 290 -27.92 -7.45 21.96
C CYS A 290 -28.35 -6.01 22.20
N SER A 291 -28.32 -5.58 23.45
CA SER A 291 -28.91 -4.31 23.85
C SER A 291 -27.94 -3.13 23.80
N ILE A 292 -26.69 -3.33 23.39
CA ILE A 292 -25.70 -2.26 23.39
C ILE A 292 -25.40 -1.89 21.94
N GLN A 293 -25.89 -0.71 21.55
CA GLN A 293 -25.96 -0.28 20.15
C GLN A 293 -25.49 1.16 20.02
N ARG A 294 -24.98 1.49 18.85
CA ARG A 294 -24.89 2.87 18.40
C ARG A 294 -25.35 2.94 16.95
N ARG A 295 -26.08 3.99 16.62
CA ARG A 295 -26.78 4.14 15.34
C ARG A 295 -27.43 2.81 14.91
N ASN A 296 -28.24 2.28 15.84
CA ASN A 296 -28.98 1.03 15.68
C ASN A 296 -28.13 -0.10 15.12
N GLN A 297 -26.86 -0.14 15.54
CA GLN A 297 -25.95 -1.23 15.21
C GLN A 297 -25.32 -1.73 16.50
N LYS A 298 -25.37 -3.04 16.72
CA LYS A 298 -24.85 -3.63 17.94
C LYS A 298 -23.33 -3.61 17.96
N VAL A 299 -22.75 -3.48 19.16
CA VAL A 299 -21.31 -3.50 19.34
C VAL A 299 -20.84 -4.67 20.20
N VAL A 300 -21.60 -5.01 21.23
CA VAL A 300 -21.25 -6.11 22.12
C VAL A 300 -22.50 -6.93 22.42
N GLU A 301 -22.32 -8.25 22.46
CA GLU A 301 -23.41 -9.20 22.68
C GLU A 301 -22.97 -10.24 23.70
N GLU A 302 -23.95 -10.84 24.37
CA GLU A 302 -23.69 -11.97 25.25
C GLU A 302 -24.81 -12.98 25.10
N ALA A 303 -24.47 -14.26 24.95
CA ALA A 303 -25.50 -15.24 24.68
C ALA A 303 -26.38 -15.45 25.92
N PRO A 304 -25.88 -15.97 27.04
CA PRO A 304 -26.76 -16.10 28.21
C PRO A 304 -27.05 -14.74 28.80
N SER A 305 -28.22 -14.62 29.42
CA SER A 305 -28.66 -13.37 30.01
C SER A 305 -29.04 -13.59 31.47
N ILE A 306 -28.56 -12.71 32.35
CA ILE A 306 -28.92 -12.79 33.77
C ILE A 306 -30.31 -12.25 34.05
N PHE A 307 -30.95 -11.62 33.08
CA PHE A 307 -32.24 -10.98 33.32
C PHE A 307 -33.33 -12.01 33.54
N LEU A 308 -33.40 -13.02 32.69
CA LEU A 308 -34.51 -13.97 32.70
C LEU A 308 -34.09 -15.29 33.35
N ASP A 309 -35.04 -15.91 34.03
CA ASP A 309 -34.81 -17.17 34.73
C ASP A 309 -35.13 -18.33 33.78
N ALA A 310 -35.16 -19.55 34.33
CA ALA A 310 -35.36 -20.74 33.49
C ALA A 310 -36.75 -20.77 32.89
N GLU A 311 -37.78 -20.41 33.67
CA GLU A 311 -39.15 -20.51 33.18
C GLU A 311 -39.41 -19.56 32.01
N THR A 312 -38.91 -18.34 32.10
CA THR A 312 -39.07 -17.39 31.00
C THR A 312 -38.32 -17.86 29.75
N ARG A 313 -37.13 -18.43 29.96
CA ARG A 313 -36.38 -18.98 28.83
C ARG A 313 -37.15 -20.11 28.15
N ARG A 314 -37.74 -21.00 28.93
CA ARG A 314 -38.54 -22.07 28.35
C ARG A 314 -39.76 -21.53 27.63
N ALA A 315 -40.42 -20.53 28.20
CA ALA A 315 -41.59 -19.95 27.54
C ALA A 315 -41.21 -19.33 26.19
N MET A 316 -40.12 -18.57 26.16
CA MET A 316 -39.66 -18.00 24.90
C MET A 316 -39.29 -19.08 23.90
N GLY A 317 -38.61 -20.13 24.36
CA GLY A 317 -38.25 -21.20 23.45
C GLY A 317 -39.45 -21.90 22.84
N GLU A 318 -40.45 -22.20 23.68
CA GLU A 318 -41.65 -22.85 23.17
C GLU A 318 -42.39 -21.96 22.19
N GLN A 319 -42.51 -20.66 22.50
CA GLN A 319 -43.19 -19.76 21.57
C GLN A 319 -42.45 -19.65 20.24
N ALA A 320 -41.12 -19.54 20.28
CA ALA A 320 -40.34 -19.47 19.05
C ALA A 320 -40.47 -20.75 18.24
N VAL A 321 -40.43 -21.91 18.90
CA VAL A 321 -40.58 -23.18 18.20
C VAL A 321 -41.95 -23.28 17.55
N ALA A 322 -43.00 -22.86 18.27
CA ALA A 322 -44.34 -22.88 17.70
C ALA A 322 -44.44 -21.97 16.49
N LEU A 323 -43.87 -20.76 16.58
CA LEU A 323 -43.91 -19.85 15.44
C LEU A 323 -43.18 -20.41 14.25
N ALA A 324 -42.00 -21.01 14.47
CA ALA A 324 -41.25 -21.60 13.37
C ALA A 324 -42.01 -22.77 12.75
N ARG A 325 -42.65 -23.59 13.58
CA ARG A 325 -43.43 -24.70 13.07
C ARG A 325 -44.63 -24.23 12.27
N ALA A 326 -45.22 -23.09 12.64
CA ALA A 326 -46.40 -22.60 11.94
C ALA A 326 -46.13 -22.27 10.47
N VAL A 327 -44.89 -21.94 10.11
CA VAL A 327 -44.56 -21.54 8.75
C VAL A 327 -43.83 -22.64 7.99
N LYS A 328 -43.68 -23.83 8.60
CA LYS A 328 -42.92 -24.93 8.02
C LYS A 328 -41.51 -24.47 7.66
N TYR A 329 -40.78 -24.04 8.69
CA TYR A 329 -39.47 -23.45 8.51
C TYR A 329 -38.41 -24.52 8.22
N SER A 330 -37.32 -24.07 7.61
CA SER A 330 -36.17 -24.92 7.32
C SER A 330 -34.91 -24.11 7.51
N SER A 331 -33.80 -24.81 7.75
CA SER A 331 -32.49 -24.20 8.01
C SER A 331 -32.58 -23.42 9.33
N ALA A 332 -31.91 -22.29 9.45
CA ALA A 332 -31.81 -21.55 10.71
C ALA A 332 -32.53 -20.20 10.59
N GLY A 333 -32.92 -19.67 11.74
CA GLY A 333 -33.58 -18.38 11.82
C GLY A 333 -33.52 -17.87 13.24
N THR A 334 -34.01 -16.64 13.42
CA THR A 334 -33.99 -16.01 14.73
C THR A 334 -35.32 -15.31 14.99
N VAL A 335 -35.77 -15.35 16.23
CA VAL A 335 -36.98 -14.65 16.67
C VAL A 335 -36.58 -13.59 17.68
N GLU A 336 -37.02 -12.36 17.46
CA GLU A 336 -36.62 -11.22 18.28
C GLU A 336 -37.81 -10.76 19.11
N PHE A 337 -37.61 -10.72 20.43
CA PHE A 337 -38.55 -10.17 21.40
C PHE A 337 -37.93 -8.96 22.08
N LEU A 338 -38.81 -8.12 22.63
CA LEU A 338 -38.41 -7.03 23.53
C LEU A 338 -38.99 -7.30 24.90
N VAL A 339 -38.17 -7.14 25.94
CA VAL A 339 -38.58 -7.39 27.30
C VAL A 339 -38.45 -6.10 28.11
N ASP A 340 -39.46 -5.84 28.94
CA ASP A 340 -39.49 -4.68 29.81
C ASP A 340 -38.91 -5.03 31.18
N SER A 341 -39.11 -4.15 32.16
CA SER A 341 -38.52 -4.35 33.48
C SER A 341 -39.23 -5.42 34.32
N LYS A 342 -40.39 -5.91 33.88
CA LYS A 342 -41.14 -6.90 34.65
C LYS A 342 -41.12 -8.29 34.02
N LYS A 343 -40.18 -8.52 33.10
CA LYS A 343 -39.98 -9.83 32.47
C LYS A 343 -41.25 -10.32 31.77
N ASN A 344 -41.81 -9.45 30.94
CA ASN A 344 -42.98 -9.78 30.11
C ASN A 344 -42.57 -9.58 28.66
N PHE A 345 -42.15 -10.66 28.00
CA PHE A 345 -41.62 -10.56 26.65
C PHE A 345 -42.73 -10.23 25.66
N TYR A 346 -42.39 -9.41 24.67
CA TYR A 346 -43.29 -9.04 23.60
C TYR A 346 -42.62 -9.32 22.26
N PHE A 347 -43.37 -9.91 21.34
CA PHE A 347 -42.84 -10.25 20.02
C PHE A 347 -42.42 -8.99 19.27
N LEU A 348 -41.25 -9.04 18.63
CA LEU A 348 -40.78 -7.94 17.79
C LEU A 348 -40.72 -8.34 16.32
N GLU A 349 -39.99 -9.40 15.98
CA GLU A 349 -39.90 -9.79 14.57
C GLU A 349 -39.33 -11.21 14.47
N MET A 350 -39.20 -11.69 13.24
CA MET A 350 -38.53 -12.95 12.94
C MET A 350 -37.64 -12.76 11.73
N ASN A 351 -36.33 -12.90 11.93
CA ASN A 351 -35.34 -12.75 10.86
C ASN A 351 -34.96 -14.15 10.38
N THR A 352 -35.36 -14.48 9.16
CA THR A 352 -35.17 -15.83 8.62
C THR A 352 -33.87 -15.90 7.81
N ARG A 353 -32.75 -15.88 8.54
CA ARG A 353 -31.43 -15.79 7.95
C ARG A 353 -30.40 -15.97 9.05
N LEU A 354 -29.20 -16.40 8.67
CA LEU A 354 -28.11 -16.51 9.63
C LEU A 354 -27.70 -15.12 10.12
N GLN A 355 -27.43 -15.02 11.42
CA GLN A 355 -27.12 -13.76 12.06
C GLN A 355 -25.61 -13.55 12.17
N VAL A 356 -25.21 -12.28 12.28
CA VAL A 356 -23.81 -11.95 12.46
C VAL A 356 -23.32 -12.42 13.82
N GLU A 357 -24.15 -12.26 14.86
CA GLU A 357 -23.80 -12.67 16.21
C GLU A 357 -24.20 -14.10 16.52
N HIS A 358 -24.27 -14.95 15.49
CA HIS A 358 -24.55 -16.36 15.71
C HIS A 358 -23.49 -17.11 16.52
N PRO A 359 -22.17 -16.95 16.31
CA PRO A 359 -21.23 -17.90 16.90
C PRO A 359 -21.20 -17.89 18.42
N VAL A 360 -21.64 -16.81 19.06
CA VAL A 360 -21.64 -16.78 20.53
C VAL A 360 -22.52 -17.89 21.08
N THR A 361 -23.71 -18.06 20.50
CA THR A 361 -24.57 -19.19 20.88
C THR A 361 -23.85 -20.51 20.68
N GLU A 362 -23.06 -20.62 19.61
CA GLU A 362 -22.25 -21.81 19.39
C GLU A 362 -21.39 -22.11 20.61
N CYS A 363 -20.72 -21.09 21.13
CA CYS A 363 -19.83 -21.28 22.27
C CYS A 363 -20.56 -21.82 23.49
N ILE A 364 -21.89 -21.64 23.55
CA ILE A 364 -22.64 -22.14 24.68
C ILE A 364 -23.19 -23.54 24.42
N THR A 365 -23.39 -23.91 23.16
CA THR A 365 -24.01 -25.19 22.84
C THR A 365 -23.07 -26.18 22.17
N GLY A 366 -21.95 -25.73 21.63
CA GLY A 366 -21.01 -26.61 20.97
C GLY A 366 -21.40 -27.03 19.57
N LEU A 367 -22.51 -26.52 19.05
CA LEU A 367 -22.96 -26.88 17.72
C LEU A 367 -22.20 -26.08 16.66
N ASP A 368 -22.35 -26.51 15.41
CA ASP A 368 -21.84 -25.77 14.26
C ASP A 368 -23.04 -25.51 13.35
N LEU A 369 -23.47 -24.26 13.28
CA LEU A 369 -24.69 -23.93 12.54
C LEU A 369 -24.53 -24.19 11.05
N VAL A 370 -23.37 -23.86 10.49
CA VAL A 370 -23.21 -23.96 9.04
C VAL A 370 -23.33 -25.40 8.58
N GLN A 371 -22.66 -26.33 9.28
CA GLN A 371 -22.71 -27.72 8.85
C GLN A 371 -24.09 -28.33 9.08
N GLU A 372 -24.74 -27.98 10.19
CA GLU A 372 -26.07 -28.51 10.44
C GLU A 372 -27.06 -28.02 9.39
N MET A 373 -26.98 -26.74 9.03
CA MET A 373 -27.91 -26.20 8.03
C MET A 373 -27.60 -26.72 6.63
N ILE A 374 -26.32 -26.94 6.30
CA ILE A 374 -26.01 -27.54 5.01
C ILE A 374 -26.43 -29.00 4.96
N ARG A 375 -26.44 -29.68 6.11
CA ARG A 375 -26.94 -31.05 6.16
C ARG A 375 -28.45 -31.09 5.98
N VAL A 376 -29.18 -30.25 6.71
CA VAL A 376 -30.63 -30.23 6.56
C VAL A 376 -31.05 -29.68 5.20
N ALA A 377 -30.16 -28.98 4.50
CA ALA A 377 -30.46 -28.55 3.14
C ALA A 377 -30.67 -29.73 2.21
N LYS A 378 -29.94 -30.82 2.44
CA LYS A 378 -30.09 -32.02 1.62
C LYS A 378 -31.28 -32.88 2.02
N GLY A 379 -31.88 -32.63 3.18
CA GLY A 379 -33.03 -33.37 3.63
C GLY A 379 -32.80 -34.28 4.81
N TYR A 380 -31.57 -34.40 5.30
CA TYR A 380 -31.30 -35.25 6.45
C TYR A 380 -31.92 -34.64 7.70
N PRO A 381 -32.66 -35.42 8.49
CA PRO A 381 -33.25 -34.88 9.72
C PRO A 381 -32.18 -34.51 10.73
N LEU A 382 -32.49 -33.49 11.54
CA LEU A 382 -31.57 -33.05 12.58
C LEU A 382 -31.45 -34.12 13.67
N ARG A 383 -30.26 -34.21 14.25
CA ARG A 383 -29.94 -35.29 15.19
C ARG A 383 -30.36 -34.94 16.62
N HIS A 384 -29.83 -33.85 17.16
CA HIS A 384 -30.03 -33.53 18.57
C HIS A 384 -31.51 -33.32 18.87
N LYS A 385 -31.91 -33.75 20.07
CA LYS A 385 -33.27 -33.53 20.54
C LYS A 385 -33.31 -32.28 21.41
N GLN A 386 -34.52 -31.93 21.86
CA GLN A 386 -34.67 -30.73 22.68
C GLN A 386 -33.97 -30.88 24.02
N ALA A 387 -34.03 -32.07 24.62
CA ALA A 387 -33.38 -32.29 25.90
C ALA A 387 -31.86 -32.34 25.79
N ASP A 388 -31.32 -32.49 24.57
CA ASP A 388 -29.88 -32.55 24.41
C ASP A 388 -29.25 -31.17 24.60
N ILE A 389 -29.95 -30.12 24.17
CA ILE A 389 -29.39 -28.77 24.23
C ILE A 389 -29.29 -28.30 25.67
N ARG A 390 -28.19 -27.63 25.99
CA ARG A 390 -27.94 -27.15 27.34
C ARG A 390 -27.08 -25.90 27.27
N ILE A 391 -26.79 -25.32 28.44
CA ILE A 391 -25.99 -24.11 28.55
C ILE A 391 -24.65 -24.47 29.16
N ASN A 392 -23.57 -24.07 28.49
CA ASN A 392 -22.21 -24.40 28.92
C ASN A 392 -21.44 -23.09 29.11
N GLY A 393 -21.49 -22.54 30.31
CA GLY A 393 -20.70 -21.37 30.64
C GLY A 393 -21.33 -20.07 30.17
N TRP A 394 -20.46 -19.13 29.80
CA TRP A 394 -20.87 -17.79 29.39
C TRP A 394 -20.01 -17.36 28.22
N ALA A 395 -20.54 -16.48 27.38
CA ALA A 395 -19.79 -16.02 26.21
C ALA A 395 -20.17 -14.57 25.90
N VAL A 396 -19.18 -13.80 25.47
CA VAL A 396 -19.32 -12.39 25.14
C VAL A 396 -18.59 -12.12 23.82
N GLU A 397 -19.23 -11.35 22.94
CA GLU A 397 -18.67 -11.02 21.64
C GLU A 397 -18.61 -9.52 21.46
N CYS A 398 -17.50 -9.05 20.90
CA CYS A 398 -17.28 -7.62 20.62
C CYS A 398 -16.91 -7.46 19.15
N ARG A 399 -17.56 -6.51 18.47
CA ARG A 399 -17.29 -6.24 17.06
C ARG A 399 -16.34 -5.06 16.95
N VAL A 400 -15.17 -5.26 16.36
CA VAL A 400 -14.18 -4.21 16.16
C VAL A 400 -14.27 -3.73 14.71
N TYR A 401 -14.56 -2.44 14.56
CA TYR A 401 -14.74 -1.77 13.28
C TYR A 401 -13.50 -0.94 12.95
N ALA A 402 -13.55 -0.28 11.79
CA ALA A 402 -12.54 0.69 11.39
C ALA A 402 -13.24 2.06 11.37
N GLU A 403 -13.29 2.71 12.53
CA GLU A 403 -13.99 3.97 12.66
C GLU A 403 -13.49 4.68 13.91
N ASP A 404 -13.49 6.01 13.85
CA ASP A 404 -13.08 6.82 14.99
C ASP A 404 -14.20 6.85 16.02
N PRO A 405 -13.94 6.45 17.27
CA PRO A 405 -14.99 6.47 18.29
C PRO A 405 -15.16 7.80 19.01
N TYR A 406 -14.36 8.81 18.66
CA TYR A 406 -14.43 10.09 19.34
C TYR A 406 -15.36 11.08 18.64
N LYS A 407 -15.33 11.13 17.31
CA LYS A 407 -16.10 12.10 16.54
C LYS A 407 -17.37 11.44 16.02
N SER A 408 -18.51 12.02 16.37
CA SER A 408 -19.85 11.57 15.99
C SER A 408 -20.10 10.11 16.38
N PHE A 409 -19.29 9.55 17.27
CA PHE A 409 -19.53 8.23 17.86
C PHE A 409 -19.49 7.13 16.81
N GLY A 410 -18.40 7.09 16.05
CA GLY A 410 -18.21 6.01 15.09
C GLY A 410 -18.12 6.40 13.63
N LEU A 411 -17.54 7.56 13.32
CA LEU A 411 -17.37 7.96 11.92
C LEU A 411 -16.43 7.00 11.21
N PRO A 412 -16.82 6.45 10.06
CA PRO A 412 -15.96 5.47 9.38
C PRO A 412 -14.70 6.10 8.83
N SER A 413 -13.65 5.28 8.75
CA SER A 413 -12.36 5.70 8.24
C SER A 413 -11.83 4.65 7.27
N ILE A 414 -10.94 5.08 6.38
CA ILE A 414 -10.36 4.22 5.37
C ILE A 414 -8.85 4.34 5.42
N GLY A 415 -8.18 3.33 4.87
CA GLY A 415 -6.73 3.31 4.87
C GLY A 415 -6.22 1.91 4.55
N ARG A 416 -4.97 1.67 4.91
CA ARG A 416 -4.32 0.39 4.71
C ARG A 416 -3.66 -0.05 6.00
N LEU A 417 -3.64 -1.36 6.22
CA LEU A 417 -3.13 -1.93 7.47
C LEU A 417 -1.60 -1.99 7.43
N SER A 418 -0.95 -1.13 8.20
CA SER A 418 0.51 -1.21 8.32
C SER A 418 0.93 -2.52 8.96
N GLN A 419 0.25 -2.92 10.04
CA GLN A 419 0.53 -4.20 10.67
C GLN A 419 -0.67 -4.63 11.50
N TYR A 420 -0.86 -5.95 11.61
CA TYR A 420 -2.09 -6.50 12.15
C TYR A 420 -1.77 -7.79 12.90
N GLN A 421 -2.11 -7.83 14.18
CA GLN A 421 -1.92 -9.02 15.00
C GLN A 421 -3.11 -9.21 15.91
N GLU A 422 -3.42 -10.47 16.21
CA GLU A 422 -4.56 -10.84 17.03
C GLU A 422 -4.11 -11.83 18.11
N PRO A 423 -4.77 -11.81 19.28
CA PRO A 423 -4.32 -12.67 20.40
C PRO A 423 -4.97 -14.04 20.37
N LEU A 424 -4.54 -14.87 19.41
CA LEU A 424 -5.09 -16.22 19.29
C LEU A 424 -4.56 -17.15 20.37
N HIS A 425 -3.45 -16.81 21.01
CA HIS A 425 -2.86 -17.67 22.03
C HIS A 425 -3.46 -17.48 23.41
N LEU A 426 -4.24 -16.42 23.63
CA LEU A 426 -4.84 -16.19 24.92
C LEU A 426 -5.96 -17.21 25.18
N PRO A 427 -6.17 -17.60 26.43
CA PRO A 427 -7.15 -18.66 26.71
C PRO A 427 -8.58 -18.18 26.51
N GLY A 428 -9.41 -19.07 25.99
CA GLY A 428 -10.83 -18.78 25.81
C GLY A 428 -11.14 -17.64 24.88
N VAL A 429 -10.39 -17.51 23.80
CA VAL A 429 -10.55 -16.43 22.84
C VAL A 429 -10.57 -17.01 21.43
N ARG A 430 -11.58 -16.64 20.64
CA ARG A 430 -11.62 -16.97 19.23
C ARG A 430 -11.87 -15.71 18.43
N VAL A 431 -11.29 -15.64 17.23
CA VAL A 431 -11.32 -14.45 16.40
C VAL A 431 -11.97 -14.81 15.08
N ASP A 432 -12.96 -14.02 14.67
CA ASP A 432 -13.61 -14.19 13.38
C ASP A 432 -13.32 -12.94 12.57
N SER A 433 -12.39 -13.04 11.62
CA SER A 433 -11.94 -11.89 10.85
C SER A 433 -11.76 -12.30 9.40
N GLY A 434 -11.79 -11.30 8.53
CA GLY A 434 -11.60 -11.53 7.11
C GLY A 434 -10.51 -10.66 6.52
N ILE A 435 -9.56 -10.24 7.35
CA ILE A 435 -8.48 -9.36 6.92
C ILE A 435 -7.14 -9.93 7.39
N GLN A 436 -6.09 -9.50 6.72
CA GLN A 436 -4.72 -9.90 6.99
C GLN A 436 -3.85 -8.66 6.91
N PRO A 437 -2.62 -8.71 7.43
CA PRO A 437 -1.74 -7.53 7.31
C PRO A 437 -1.55 -7.13 5.86
N GLY A 438 -1.58 -5.82 5.63
CA GLY A 438 -1.53 -5.26 4.30
C GLY A 438 -2.88 -5.05 3.65
N SER A 439 -3.97 -5.48 4.29
CA SER A 439 -5.29 -5.33 3.70
C SER A 439 -5.70 -3.87 3.66
N ASP A 440 -6.58 -3.54 2.71
CA ASP A 440 -7.03 -2.19 2.47
C ASP A 440 -8.49 -2.05 2.88
N ILE A 441 -8.79 -0.98 3.62
CA ILE A 441 -10.16 -0.67 4.02
C ILE A 441 -10.75 0.24 2.95
N SER A 442 -11.74 -0.26 2.22
CA SER A 442 -12.34 0.46 1.11
C SER A 442 -13.58 1.21 1.57
N ILE A 443 -13.97 2.21 0.77
CA ILE A 443 -15.15 3.01 1.05
C ILE A 443 -16.43 2.35 0.52
N TYR A 444 -16.30 1.28 -0.26
CA TYR A 444 -17.45 0.62 -0.88
C TYR A 444 -18.07 -0.44 0.00
N TYR A 445 -17.43 -0.85 1.09
CA TYR A 445 -17.85 -2.00 1.87
C TYR A 445 -17.99 -1.61 3.33
N ASP A 446 -18.47 -2.56 4.13
CA ASP A 446 -18.62 -2.35 5.56
C ASP A 446 -17.24 -2.20 6.20
N PRO A 447 -17.05 -1.25 7.12
CA PRO A 447 -15.72 -1.05 7.70
C PRO A 447 -15.40 -2.03 8.82
N MET A 448 -16.16 -3.12 8.90
CA MET A 448 -15.92 -4.13 9.93
C MET A 448 -14.53 -4.72 9.80
N ILE A 449 -13.82 -4.81 10.92
CA ILE A 449 -12.48 -5.39 10.97
C ILE A 449 -12.52 -6.83 11.45
N SER A 450 -13.14 -7.09 12.60
CA SER A 450 -13.13 -8.42 13.17
C SER A 450 -14.21 -8.52 14.23
N LYS A 451 -14.40 -9.74 14.75
CA LYS A 451 -15.18 -9.94 15.96
C LYS A 451 -14.43 -10.89 16.90
N LEU A 452 -14.33 -10.47 18.16
CA LEU A 452 -13.69 -11.27 19.21
C LEU A 452 -14.79 -11.94 20.03
N ILE A 453 -14.67 -13.25 20.22
CA ILE A 453 -15.59 -14.01 21.05
C ILE A 453 -14.80 -14.63 22.18
N THR A 454 -15.30 -14.46 23.41
CA THR A 454 -14.62 -14.90 24.61
C THR A 454 -15.60 -15.66 25.48
N TYR A 455 -15.23 -16.89 25.85
CA TYR A 455 -16.08 -17.74 26.68
C TYR A 455 -15.38 -18.10 27.97
N GLY A 456 -16.18 -18.32 29.01
CA GLY A 456 -15.68 -18.71 30.32
C GLY A 456 -16.69 -19.50 31.11
N SER A 457 -16.37 -19.82 32.36
CA SER A 457 -17.31 -20.56 33.21
C SER A 457 -18.46 -19.69 33.68
N ASP A 458 -18.23 -18.38 33.84
CA ASP A 458 -19.26 -17.46 34.28
C ASP A 458 -18.99 -16.09 33.66
N ARG A 459 -19.83 -15.12 34.01
CA ARG A 459 -19.78 -13.81 33.35
C ARG A 459 -18.50 -13.06 33.67
N THR A 460 -18.05 -13.12 34.93
CA THR A 460 -16.88 -12.34 35.33
C THR A 460 -15.62 -12.85 34.63
N GLU A 461 -15.48 -14.18 34.52
CA GLU A 461 -14.32 -14.73 33.82
C GLU A 461 -14.32 -14.35 32.35
N ALA A 462 -15.49 -14.38 31.71
CA ALA A 462 -15.59 -13.98 30.31
C ALA A 462 -15.23 -12.52 30.12
N LEU A 463 -15.71 -11.65 31.02
CA LEU A 463 -15.40 -10.23 30.91
C LEU A 463 -13.91 -9.97 31.13
N LYS A 464 -13.31 -10.65 32.11
CA LYS A 464 -11.88 -10.49 32.36
C LYS A 464 -11.06 -10.94 31.15
N ARG A 465 -11.40 -12.09 30.58
CA ARG A 465 -10.67 -12.58 29.43
C ARG A 465 -10.86 -11.67 28.22
N MET A 466 -12.06 -11.09 28.06
CA MET A 466 -12.27 -10.16 26.96
C MET A 466 -11.43 -8.90 27.12
N ALA A 467 -11.32 -8.38 28.36
CA ALA A 467 -10.45 -7.23 28.57
C ALA A 467 -9.00 -7.56 28.25
N ASP A 468 -8.54 -8.74 28.68
CA ASP A 468 -7.19 -9.18 28.35
C ASP A 468 -6.98 -9.28 26.84
N ALA A 469 -7.95 -9.86 26.14
CA ALA A 469 -7.83 -10.01 24.69
C ALA A 469 -7.82 -8.65 23.99
N LEU A 470 -8.67 -7.73 24.45
CA LEU A 470 -8.72 -6.41 23.84
C LEU A 470 -7.41 -5.67 24.02
N ASP A 471 -6.77 -5.83 25.18
CA ASP A 471 -5.52 -5.10 25.43
C ASP A 471 -4.35 -5.63 24.62
N ASN A 472 -4.46 -6.82 24.03
CA ASN A 472 -3.35 -7.50 23.36
C ASN A 472 -3.57 -7.65 21.86
N TYR A 473 -4.12 -6.63 21.20
CA TYR A 473 -4.63 -6.78 19.84
C TYR A 473 -4.14 -5.60 19.02
N VAL A 474 -3.30 -5.87 18.02
CA VAL A 474 -2.51 -4.87 17.32
C VAL A 474 -3.18 -4.52 16.00
N ILE A 475 -3.55 -3.25 15.82
CA ILE A 475 -4.05 -2.73 14.55
C ILE A 475 -3.37 -1.40 14.26
N ARG A 476 -2.37 -1.40 13.38
CA ARG A 476 -1.67 -0.18 13.01
C ARG A 476 -1.90 0.11 11.53
N GLY A 477 -2.36 1.32 11.23
CA GLY A 477 -2.62 1.73 9.87
C GLY A 477 -3.94 2.44 9.70
N VAL A 478 -4.92 2.11 10.54
CA VAL A 478 -6.25 2.72 10.51
C VAL A 478 -6.66 3.04 11.93
N THR A 479 -7.76 3.77 12.06
CA THR A 479 -8.37 4.06 13.35
C THR A 479 -9.48 3.06 13.63
N HIS A 480 -9.52 2.55 14.85
CA HIS A 480 -10.51 1.56 15.26
C HIS A 480 -11.23 2.05 16.52
N ASN A 481 -12.10 1.19 17.05
CA ASN A 481 -12.92 1.52 18.21
C ASN A 481 -12.59 0.63 19.41
N ILE A 482 -11.32 0.23 19.55
CA ILE A 482 -10.93 -0.63 20.65
C ILE A 482 -11.14 0.07 21.99
N ALA A 483 -10.89 1.39 22.03
CA ALA A 483 -11.04 2.15 23.26
C ALA A 483 -12.48 2.11 23.77
N LEU A 484 -13.46 2.26 22.87
CA LEU A 484 -14.85 2.30 23.29
C LEU A 484 -15.27 0.95 23.88
N LEU A 485 -14.91 -0.16 23.23
CA LEU A 485 -15.26 -1.47 23.73
C LEU A 485 -14.57 -1.74 25.07
N ARG A 486 -13.28 -1.41 25.14
CA ARG A 486 -12.50 -1.62 26.37
C ARG A 486 -13.08 -0.83 27.53
N GLU A 487 -13.59 0.38 27.27
CA GLU A 487 -14.21 1.16 28.32
C GLU A 487 -15.61 0.66 28.66
N VAL A 488 -16.34 0.13 27.68
CA VAL A 488 -17.69 -0.36 27.94
C VAL A 488 -17.65 -1.62 28.81
N ILE A 489 -16.66 -2.49 28.59
CA ILE A 489 -16.62 -3.75 29.34
C ILE A 489 -16.46 -3.48 30.83
N ILE A 490 -15.66 -2.48 31.20
CA ILE A 490 -15.36 -2.23 32.60
C ILE A 490 -16.29 -1.18 33.18
N ASN A 491 -17.40 -0.92 32.49
CA ASN A 491 -18.38 0.04 33.00
C ASN A 491 -19.02 -0.49 34.28
N SER A 492 -19.41 0.44 35.15
CA SER A 492 -19.92 0.06 36.47
C SER A 492 -21.26 -0.66 36.36
N ARG A 493 -22.20 -0.09 35.61
CA ARG A 493 -23.54 -0.65 35.52
C ARG A 493 -23.67 -1.73 34.45
N PHE A 494 -22.66 -1.91 33.59
CA PHE A 494 -22.67 -3.03 32.67
C PHE A 494 -22.31 -4.33 33.38
N VAL A 495 -21.39 -4.27 34.34
CA VAL A 495 -20.95 -5.46 35.05
C VAL A 495 -22.09 -6.04 35.90
N LYS A 496 -22.83 -5.17 36.59
CA LYS A 496 -23.91 -5.65 37.45
C LYS A 496 -25.07 -6.22 36.66
N GLY A 497 -25.21 -5.86 35.38
CA GLY A 497 -26.27 -6.38 34.56
C GLY A 497 -27.38 -5.41 34.22
N ASP A 498 -27.21 -4.12 34.49
CA ASP A 498 -28.25 -3.13 34.19
C ASP A 498 -27.99 -2.50 32.83
N ILE A 499 -28.21 -3.31 31.80
CA ILE A 499 -28.03 -2.89 30.41
C ILE A 499 -29.39 -2.58 29.81
N SER A 500 -29.50 -1.44 29.14
CA SER A 500 -30.69 -1.05 28.41
C SER A 500 -30.30 -0.69 26.98
N THR A 501 -31.31 -0.34 26.17
CA THR A 501 -31.04 0.05 24.79
C THR A 501 -30.40 1.43 24.70
N LYS A 502 -30.62 2.27 25.71
CA LYS A 502 -30.06 3.62 25.76
C LYS A 502 -28.81 3.68 26.61
N PHE A 503 -27.99 2.63 26.58
CA PHE A 503 -26.79 2.57 27.40
C PHE A 503 -25.82 3.69 27.05
N LEU A 504 -25.29 3.67 25.82
CA LEU A 504 -24.32 4.67 25.42
C LEU A 504 -24.92 6.06 25.26
N SER A 505 -26.24 6.16 25.16
CA SER A 505 -26.88 7.46 25.02
C SER A 505 -26.81 8.24 26.33
N ASP A 506 -27.04 7.59 27.46
CA ASP A 506 -27.05 8.29 28.74
C ASP A 506 -25.77 8.12 29.55
N VAL A 507 -24.96 7.10 29.26
CA VAL A 507 -23.66 7.00 29.91
C VAL A 507 -22.74 8.11 29.42
N TYR A 508 -22.84 8.48 28.15
CA TYR A 508 -21.98 9.49 27.54
C TYR A 508 -22.84 10.58 26.92
N PRO A 509 -23.37 11.50 27.73
CA PRO A 509 -24.17 12.60 27.15
C PRO A 509 -23.38 13.48 26.20
N ASP A 510 -22.09 13.69 26.47
CA ASP A 510 -21.25 14.57 25.66
C ASP A 510 -20.35 13.80 24.70
N GLY A 511 -20.58 12.52 24.51
CA GLY A 511 -19.77 11.72 23.61
C GLY A 511 -18.58 11.08 24.29
N PHE A 512 -17.96 10.14 23.57
CA PHE A 512 -16.81 9.42 24.10
C PHE A 512 -15.63 10.36 24.28
N LYS A 513 -15.03 10.33 25.48
CA LYS A 513 -13.91 11.19 25.81
C LYS A 513 -12.69 10.38 26.26
N GLY A 514 -12.65 9.10 25.95
CA GLY A 514 -11.56 8.26 26.38
C GLY A 514 -11.78 7.75 27.79
N HIS A 515 -10.70 7.20 28.35
CA HIS A 515 -10.72 6.63 29.70
C HIS A 515 -10.16 7.65 30.68
N MET A 516 -10.96 8.02 31.67
CA MET A 516 -10.51 8.93 32.72
C MET A 516 -9.76 8.12 33.77
N LEU A 517 -8.45 8.35 33.87
CA LEU A 517 -7.58 7.54 34.71
C LEU A 517 -7.40 8.21 36.06
N THR A 518 -7.52 7.42 37.13
CA THR A 518 -7.46 7.94 38.49
C THR A 518 -6.02 8.30 38.85
N LYS A 519 -5.83 8.78 40.08
CA LYS A 519 -4.51 9.22 40.51
C LYS A 519 -3.51 8.06 40.54
N SER A 520 -3.95 6.89 40.99
CA SER A 520 -3.07 5.73 41.01
C SER A 520 -2.69 5.30 39.59
N GLU A 521 -3.68 5.25 38.69
CA GLU A 521 -3.38 4.90 37.31
C GLU A 521 -2.57 5.99 36.62
N LYS A 522 -2.80 7.26 36.98
CA LYS A 522 -1.97 8.33 36.44
C LYS A 522 -0.51 8.17 36.87
N ASN A 523 -0.30 7.84 38.14
CA ASN A 523 1.06 7.60 38.62
C ASN A 523 1.69 6.41 37.90
N GLN A 524 0.92 5.34 37.70
CA GLN A 524 1.43 4.17 36.98
C GLN A 524 1.84 4.54 35.56
N LEU A 525 1.00 5.30 34.87
CA LEU A 525 1.32 5.71 33.50
C LEU A 525 2.57 6.59 33.46
N LEU A 526 2.68 7.53 34.39
CA LEU A 526 3.86 8.40 34.43
C LEU A 526 5.12 7.59 34.69
N ALA A 527 5.06 6.64 35.63
CA ALA A 527 6.22 5.81 35.93
C ALA A 527 6.62 4.96 34.72
N ILE A 528 5.63 4.39 34.03
CA ILE A 528 5.93 3.57 32.85
C ILE A 528 6.58 4.42 31.77
N ALA A 529 6.05 5.62 31.52
CA ALA A 529 6.61 6.47 30.48
C ALA A 529 8.03 6.91 30.82
N SER A 530 8.28 7.26 32.08
CA SER A 530 9.63 7.64 32.49
C SER A 530 10.60 6.47 32.34
N SER A 531 10.18 5.27 32.75
CA SER A 531 11.04 4.11 32.62
C SER A 531 11.33 3.81 31.15
N LEU A 532 10.35 3.99 30.28
CA LEU A 532 10.57 3.74 28.85
C LEU A 532 11.54 4.76 28.26
N PHE A 533 11.39 6.02 28.64
CA PHE A 533 12.33 7.05 28.19
C PHE A 533 13.76 6.70 28.62
N VAL A 534 13.94 6.32 29.88
CA VAL A 534 15.28 5.98 30.36
C VAL A 534 15.80 4.72 29.67
N ALA A 535 14.93 3.76 29.39
CA ALA A 535 15.37 2.55 28.70
C ALA A 535 15.90 2.87 27.31
N PHE A 536 15.20 3.74 26.57
CA PHE A 536 15.71 4.15 25.26
C PHE A 536 17.02 4.91 25.39
N GLN A 537 17.12 5.81 26.38
CA GLN A 537 18.35 6.56 26.57
C GLN A 537 19.53 5.65 26.90
N LEU A 538 19.28 4.58 27.65
CA LEU A 538 20.34 3.64 27.99
C LEU A 538 20.71 2.75 26.81
N ARG A 539 19.74 2.38 25.99
CA ARG A 539 20.04 1.59 24.79
C ARG A 539 20.85 2.40 23.79
N ALA A 540 20.65 3.72 23.74
CA ALA A 540 21.40 4.55 22.81
C ALA A 540 22.90 4.63 23.14
N GLN A 541 23.36 3.92 24.17
CA GLN A 541 24.77 3.97 24.58
C GLN A 541 25.55 2.73 24.19
N HIS A 542 24.89 1.66 23.76
CA HIS A 542 25.56 0.38 23.51
C HIS A 542 26.09 0.37 22.08
N PHE A 543 27.39 0.53 21.93
CA PHE A 543 28.08 0.45 20.65
C PHE A 543 28.91 -0.82 20.60
N GLN A 544 29.49 -1.08 19.43
CA GLN A 544 30.44 -2.17 19.30
C GLN A 544 31.82 -1.69 19.75
N GLU A 545 32.76 -2.63 19.86
CA GLU A 545 34.11 -2.31 20.29
C GLU A 545 34.90 -1.76 19.11
N ASN A 546 35.51 -0.59 19.30
CA ASN A 546 36.29 0.04 18.24
C ASN A 546 37.78 -0.27 18.35
N SER A 547 38.31 -0.31 19.57
CA SER A 547 39.72 -0.59 19.86
C SER A 547 40.65 0.50 19.35
N ARG A 548 40.10 1.61 18.85
CA ARG A 548 40.91 2.75 18.41
C ARG A 548 40.55 4.02 19.18
N MET A 549 39.25 4.26 19.38
CA MET A 549 38.77 5.35 20.23
C MET A 549 37.65 4.78 21.10
N PRO A 550 37.98 4.23 22.27
CA PRO A 550 36.96 3.58 23.09
C PRO A 550 35.91 4.56 23.59
N VAL A 551 34.71 4.03 23.83
CA VAL A 551 33.56 4.82 24.28
C VAL A 551 33.50 4.73 25.80
N ILE A 552 33.58 5.89 26.46
CA ILE A 552 33.49 5.97 27.91
C ILE A 552 32.03 6.11 28.29
N LYS A 553 31.46 5.05 28.87
CA LYS A 553 30.03 5.04 29.16
C LYS A 553 29.70 6.06 30.25
N PRO A 554 28.78 6.98 30.02
CA PRO A 554 28.43 7.96 31.06
C PRO A 554 27.74 7.29 32.23
N ASP A 555 27.96 7.85 33.41
CA ASP A 555 27.39 7.35 34.66
C ASP A 555 26.43 8.39 35.22
N ILE A 556 25.15 8.05 35.24
CA ILE A 556 24.10 8.91 35.77
C ILE A 556 23.45 8.19 36.94
N ALA A 557 23.58 8.78 38.14
CA ALA A 557 23.01 8.16 39.33
C ALA A 557 21.49 8.10 39.26
N ASN A 558 20.87 9.18 38.83
CA ASN A 558 19.42 9.22 38.68
C ASN A 558 19.06 10.27 37.64
N TRP A 559 17.90 10.07 37.01
CA TRP A 559 17.42 10.94 35.94
C TRP A 559 16.27 11.78 36.47
N GLU A 560 16.41 13.10 36.37
CA GLU A 560 15.38 14.04 36.81
C GLU A 560 14.65 14.57 35.58
N LEU A 561 13.33 14.37 35.54
CA LEU A 561 12.53 14.58 34.34
C LEU A 561 11.35 15.47 34.64
N SER A 562 11.01 16.31 33.67
CA SER A 562 9.77 17.05 33.64
C SER A 562 8.85 16.38 32.63
N VAL A 563 7.69 15.94 33.09
CA VAL A 563 6.77 15.14 32.30
C VAL A 563 5.49 15.95 32.14
N LYS A 564 5.22 16.39 30.91
CA LYS A 564 4.02 17.14 30.59
C LYS A 564 2.94 16.18 30.13
N LEU A 565 1.85 16.10 30.89
CA LEU A 565 0.71 15.25 30.56
C LEU A 565 -0.55 16.08 30.62
N HIS A 566 -1.37 15.98 29.58
CA HIS A 566 -2.57 16.78 29.43
C HIS A 566 -2.25 18.26 29.55
N ASP A 567 -2.54 18.86 30.71
CA ASP A 567 -2.28 20.27 30.94
C ASP A 567 -1.42 20.54 32.16
N LYS A 568 -0.76 19.52 32.69
CA LYS A 568 0.07 19.68 33.88
C LYS A 568 1.48 19.17 33.62
N VAL A 569 2.40 19.61 34.46
CA VAL A 569 3.80 19.19 34.43
C VAL A 569 4.13 18.56 35.77
N HIS A 570 4.69 17.36 35.74
CA HIS A 570 5.08 16.63 36.94
C HIS A 570 6.59 16.45 36.94
N THR A 571 7.16 16.31 38.14
CA THR A 571 8.59 16.09 38.31
C THR A 571 8.83 14.64 38.73
N VAL A 572 9.79 13.99 38.07
CA VAL A 572 10.02 12.56 38.23
C VAL A 572 11.50 12.33 38.47
N VAL A 573 11.82 11.38 39.36
CA VAL A 573 13.19 10.95 39.58
C VAL A 573 13.24 9.44 39.34
N ALA A 574 13.99 9.03 38.33
CA ALA A 574 14.04 7.64 37.90
C ALA A 574 15.43 7.07 38.11
N SER A 575 15.51 5.89 38.73
CA SER A 575 16.77 5.21 38.97
C SER A 575 16.70 3.79 38.42
N ASN A 576 17.83 3.30 37.95
CA ASN A 576 17.93 1.97 37.35
C ASN A 576 18.84 1.08 38.19
N ASN A 577 18.40 -0.16 38.40
CA ASN A 577 19.19 -1.17 39.11
C ASN A 577 19.12 -2.46 38.29
N GLY A 578 19.46 -2.34 37.01
CA GLY A 578 19.43 -3.48 36.11
C GLY A 578 18.18 -3.51 35.25
N SER A 579 17.26 -4.42 35.59
CA SER A 579 15.97 -4.52 34.89
C SER A 579 14.82 -3.96 35.72
N VAL A 580 15.11 -3.33 36.85
CA VAL A 580 14.09 -2.78 37.74
C VAL A 580 14.31 -1.28 37.83
N PHE A 581 13.25 -0.52 37.60
CA PHE A 581 13.28 0.94 37.68
C PHE A 581 12.55 1.39 38.95
N SER A 582 13.21 2.25 39.72
CA SER A 582 12.59 2.88 40.88
C SER A 582 12.24 4.31 40.49
N VAL A 583 10.95 4.64 40.53
CA VAL A 583 10.44 5.90 40.02
C VAL A 583 9.75 6.65 41.15
N GLU A 584 10.19 7.88 41.38
CA GLU A 584 9.57 8.78 42.35
C GLU A 584 8.81 9.84 41.58
N VAL A 585 7.49 9.83 41.70
CA VAL A 585 6.61 10.79 41.06
C VAL A 585 5.97 11.63 42.16
N ASP A 586 6.47 12.86 42.33
CA ASP A 586 5.95 13.79 43.34
C ASP A 586 5.95 13.16 44.73
N GLY A 587 7.02 12.42 45.05
CA GLY A 587 7.15 11.76 46.33
C GLY A 587 6.50 10.40 46.42
N SER A 588 5.90 9.91 45.35
CA SER A 588 5.28 8.59 45.34
C SER A 588 6.24 7.58 44.71
N LYS A 589 6.53 6.52 45.45
CA LYS A 589 7.49 5.51 45.02
C LYS A 589 6.79 4.40 44.25
N LEU A 590 7.37 4.01 43.12
CA LEU A 590 6.86 2.89 42.33
C LEU A 590 8.04 2.10 41.79
N ASN A 591 7.82 0.82 41.54
CA ASN A 591 8.82 -0.06 40.96
C ASN A 591 8.27 -0.68 39.68
N VAL A 592 9.03 -0.58 38.60
CA VAL A 592 8.62 -1.05 37.29
C VAL A 592 9.62 -2.10 36.82
N THR A 593 9.12 -3.30 36.50
CA THR A 593 9.95 -4.38 36.02
C THR A 593 9.39 -4.88 34.68
N SER A 594 10.30 -5.18 33.76
CA SER A 594 9.91 -5.68 32.44
C SER A 594 11.14 -6.24 31.76
N THR A 595 10.91 -6.92 30.63
CA THR A 595 12.01 -7.38 29.79
C THR A 595 12.62 -6.24 28.99
N TRP A 596 11.84 -5.17 28.75
CA TRP A 596 12.30 -3.99 28.03
C TRP A 596 12.82 -4.35 26.64
N ASN A 597 12.09 -5.21 25.95
CA ASN A 597 12.31 -5.45 24.53
C ASN A 597 11.74 -4.25 23.77
N LEU A 598 12.61 -3.41 23.24
CA LEU A 598 12.20 -2.15 22.64
C LEU A 598 11.63 -2.30 21.24
N ALA A 599 11.73 -3.49 20.63
CA ALA A 599 11.22 -3.69 19.28
C ALA A 599 9.86 -4.39 19.23
N SER A 600 9.44 -5.01 20.33
CA SER A 600 8.17 -5.72 20.33
C SER A 600 7.01 -4.72 20.25
N PRO A 601 5.98 -5.03 19.47
CA PRO A 601 4.79 -4.15 19.45
C PRO A 601 4.06 -4.11 20.79
N LEU A 602 4.08 -5.19 21.55
CA LEU A 602 3.50 -5.23 22.89
C LEU A 602 4.61 -5.05 23.92
N LEU A 603 4.24 -4.52 25.09
CA LEU A 603 5.18 -4.46 26.20
C LEU A 603 4.43 -4.77 27.48
N SER A 604 4.82 -5.85 28.15
CA SER A 604 4.23 -6.24 29.43
C SER A 604 5.15 -5.77 30.54
N VAL A 605 4.62 -4.91 31.41
CA VAL A 605 5.36 -4.40 32.56
C VAL A 605 4.63 -4.82 33.82
N SER A 606 5.33 -4.73 34.94
CA SER A 606 4.78 -5.11 36.25
C SER A 606 5.06 -3.96 37.21
N VAL A 607 4.09 -3.04 37.33
CA VAL A 607 4.24 -1.89 38.21
C VAL A 607 3.84 -2.33 39.62
N ASP A 608 4.82 -2.44 40.51
CA ASP A 608 4.70 -2.82 41.91
C ASP A 608 3.62 -3.87 42.15
N GLY A 609 3.62 -4.93 41.34
CA GLY A 609 2.71 -6.04 41.52
C GLY A 609 1.66 -6.16 40.45
N THR A 610 1.10 -5.03 40.02
CA THR A 610 0.05 -5.04 39.01
C THR A 610 0.65 -5.18 37.62
N GLN A 611 0.17 -6.15 36.87
CA GLN A 611 0.66 -6.40 35.52
C GLN A 611 -0.11 -5.54 34.52
N ARG A 612 0.61 -4.81 33.69
CA ARG A 612 0.02 -3.95 32.68
C ARG A 612 0.58 -4.31 31.31
N THR A 613 -0.24 -4.13 30.28
CA THR A 613 0.17 -4.29 28.90
C THR A 613 0.02 -2.95 28.19
N VAL A 614 1.10 -2.49 27.56
CA VAL A 614 1.11 -1.18 26.92
C VAL A 614 1.64 -1.32 25.50
N GLN A 615 1.33 -0.32 24.68
CA GLN A 615 1.87 -0.22 23.34
C GLN A 615 2.45 1.17 23.14
N CYS A 616 3.59 1.25 22.45
CA CYS A 616 4.20 2.54 22.12
C CYS A 616 3.95 2.79 20.64
N LEU A 617 3.07 3.76 20.35
CA LEU A 617 2.67 3.99 18.98
C LEU A 617 3.57 4.97 18.24
N SER A 618 4.18 5.92 18.96
CA SER A 618 5.03 6.91 18.33
C SER A 618 6.07 7.38 19.33
N ARG A 619 7.16 7.95 18.80
CA ARG A 619 8.27 8.39 19.62
C ARG A 619 9.12 9.35 18.81
N GLU A 620 9.50 10.48 19.41
CA GLU A 620 10.26 11.51 18.72
C GLU A 620 11.45 11.95 19.56
N ALA A 621 12.47 12.48 18.89
CA ALA A 621 13.65 12.99 19.56
C ALA A 621 13.38 14.26 20.36
N GLY A 622 12.23 14.90 20.15
CA GLY A 622 11.84 16.07 20.91
C GLY A 622 11.16 15.79 22.23
N GLY A 623 10.98 14.53 22.60
CA GLY A 623 10.40 14.16 23.87
C GLY A 623 8.95 13.73 23.83
N ASN A 624 8.35 13.66 22.65
CA ASN A 624 6.94 13.27 22.52
C ASN A 624 6.81 11.76 22.43
N MET A 625 5.84 11.22 23.16
CA MET A 625 5.48 9.81 23.06
C MET A 625 3.97 9.65 23.03
N SER A 626 3.52 8.58 22.37
CA SER A 626 2.12 8.16 22.36
C SER A 626 2.05 6.76 22.95
N ILE A 627 1.35 6.62 24.07
CA ILE A 627 1.28 5.37 24.80
C ILE A 627 -0.17 4.90 24.82
N GLN A 628 -0.41 3.72 24.26
CA GLN A 628 -1.69 3.04 24.41
C GLN A 628 -1.65 2.26 25.72
N PHE A 629 -2.46 2.70 26.67
CA PHE A 629 -2.49 2.19 28.04
C PHE A 629 -3.96 2.07 28.45
N LEU A 630 -4.33 0.91 28.98
CA LEU A 630 -5.71 0.60 29.33
C LEU A 630 -6.67 0.86 28.17
N GLY A 631 -6.18 0.70 26.95
CA GLY A 631 -6.99 0.86 25.76
C GLY A 631 -7.04 2.27 25.20
N THR A 632 -6.50 3.27 25.90
CA THR A 632 -6.58 4.65 25.47
C THR A 632 -5.19 5.18 25.14
N VAL A 633 -5.13 6.07 24.15
CA VAL A 633 -3.87 6.64 23.69
C VAL A 633 -3.64 7.96 24.41
N TYR A 634 -2.50 8.07 25.09
CA TYR A 634 -2.10 9.28 25.81
C TYR A 634 -0.85 9.85 25.17
N LYS A 635 -0.88 11.15 24.90
CA LYS A 635 0.27 11.87 24.37
C LYS A 635 0.98 12.55 25.53
N VAL A 636 2.29 12.33 25.62
CA VAL A 636 3.09 12.83 26.73
C VAL A 636 4.35 13.48 26.20
N ASN A 637 4.84 14.48 26.93
CA ASN A 637 6.09 15.15 26.61
C ASN A 637 7.08 14.87 27.74
N ILE A 638 8.30 14.47 27.37
CA ILE A 638 9.33 14.12 28.34
C ILE A 638 10.53 15.04 28.11
N LEU A 639 11.02 15.65 29.19
CA LEU A 639 12.24 16.45 29.09
C LEU A 639 13.07 16.25 30.35
N THR A 640 14.34 16.62 30.26
CA THR A 640 15.19 16.67 31.44
C THR A 640 15.03 18.02 32.13
N ARG A 641 15.61 18.13 33.32
CA ARG A 641 15.69 19.43 34.01
C ARG A 641 16.25 20.51 33.10
N LEU A 642 17.50 20.36 32.67
CA LEU A 642 18.20 21.42 31.94
C LEU A 642 17.36 21.93 30.77
N ALA A 643 16.82 20.99 29.98
CA ALA A 643 15.93 21.39 28.89
C ALA A 643 14.66 22.02 29.41
N ALA A 644 14.20 21.63 30.61
CA ALA A 644 12.97 22.20 31.14
C ALA A 644 13.14 23.67 31.50
N GLU A 645 14.27 24.05 32.11
CA GLU A 645 14.49 25.47 32.32
C GLU A 645 14.91 26.21 31.05
N LEU A 646 15.60 25.54 30.12
CA LEU A 646 15.99 26.23 28.90
C LEU A 646 14.84 26.41 27.91
N ASN A 647 13.77 25.64 28.07
CA ASN A 647 12.59 25.79 27.22
C ASN A 647 11.69 26.94 27.64
N LYS A 648 11.90 27.49 28.83
CA LYS A 648 11.04 28.59 29.29
C LYS A 648 11.32 29.87 28.51
N PHE A 649 12.56 30.07 28.08
CA PHE A 649 12.95 31.28 27.37
C PHE A 649 12.68 31.20 25.87
N MET A 650 12.08 30.11 25.40
CA MET A 650 11.86 29.90 23.97
C MET A 650 10.54 30.55 23.59
N LEU A 651 10.58 31.44 22.60
CA LEU A 651 9.37 32.13 22.17
C LEU A 651 8.42 31.14 21.53
N GLU A 652 7.13 31.27 21.86
CA GLU A 652 6.12 30.36 21.34
C GLU A 652 5.77 30.76 19.92
N LYS A 653 6.16 29.93 18.94
CA LYS A 653 5.88 30.19 17.55
C LYS A 653 4.43 29.83 17.24
N VAL A 654 3.62 30.83 16.89
CA VAL A 654 2.23 30.58 16.54
C VAL A 654 2.15 29.80 15.23
N THR A 655 1.34 28.75 15.22
CA THR A 655 1.20 27.88 14.07
C THR A 655 -0.15 28.11 13.40
N GLU A 656 -0.14 28.30 12.09
CA GLU A 656 -1.35 28.52 11.31
C GLU A 656 -1.54 27.37 10.34
N ASP A 657 -2.72 26.75 10.39
CA ASP A 657 -3.06 25.65 9.49
C ASP A 657 -4.45 25.89 8.94
N THR A 658 -4.68 25.42 7.71
CA THR A 658 -5.97 25.56 7.04
C THR A 658 -6.65 24.21 6.84
N SER A 659 -5.99 23.28 6.15
CA SER A 659 -6.47 21.92 5.91
C SER A 659 -7.81 21.88 5.20
N SER A 660 -8.27 23.01 4.66
CA SER A 660 -9.57 23.07 4.00
C SER A 660 -9.50 23.58 2.57
N VAL A 661 -8.32 23.85 2.04
CA VAL A 661 -8.14 24.34 0.68
C VAL A 661 -7.31 23.32 -0.09
N LEU A 662 -7.82 22.90 -1.24
CA LEU A 662 -7.17 21.89 -2.06
C LEU A 662 -6.36 22.57 -3.16
N ARG A 663 -5.07 22.26 -3.21
CA ARG A 663 -4.15 22.82 -4.20
C ARG A 663 -3.54 21.69 -5.00
N SER A 664 -3.52 21.85 -6.32
CA SER A 664 -2.90 20.86 -7.19
C SER A 664 -1.38 20.95 -7.08
N PRO A 665 -0.69 19.88 -6.69
CA PRO A 665 0.77 19.96 -6.53
C PRO A 665 1.50 19.93 -7.87
N MET A 666 0.97 19.21 -8.85
CA MET A 666 1.54 19.14 -10.18
C MET A 666 0.49 19.45 -11.22
N PRO A 667 0.89 20.04 -12.34
CA PRO A 667 -0.07 20.30 -13.43
C PRO A 667 -0.57 19.01 -14.05
N GLY A 668 -1.78 19.06 -14.58
CA GLY A 668 -2.36 17.89 -15.20
C GLY A 668 -3.77 18.16 -15.68
N VAL A 669 -4.52 17.08 -15.90
CA VAL A 669 -5.90 17.15 -16.36
C VAL A 669 -6.77 16.35 -15.41
N VAL A 670 -7.85 16.94 -14.93
CA VAL A 670 -8.75 16.29 -13.99
C VAL A 670 -9.61 15.29 -14.77
N VAL A 671 -9.43 14.00 -14.50
CA VAL A 671 -10.17 12.99 -15.27
C VAL A 671 -11.64 13.00 -14.87
N ALA A 672 -11.94 13.08 -13.59
CA ALA A 672 -13.32 13.03 -13.11
C ALA A 672 -13.37 13.47 -11.66
N VAL A 673 -14.43 14.20 -11.32
CA VAL A 673 -14.65 14.62 -9.94
C VAL A 673 -15.48 13.56 -9.23
N SER A 674 -15.00 13.09 -8.08
CA SER A 674 -15.64 12.01 -7.34
C SER A 674 -16.49 12.51 -6.18
N VAL A 675 -16.74 13.82 -6.10
CA VAL A 675 -17.52 14.39 -5.02
C VAL A 675 -18.60 15.31 -5.60
N LYS A 676 -19.60 15.60 -4.77
CA LYS A 676 -20.69 16.50 -5.12
C LYS A 676 -20.84 17.54 -4.02
N PRO A 677 -21.08 18.80 -4.38
CA PRO A 677 -21.24 19.85 -3.36
C PRO A 677 -22.40 19.53 -2.41
N GLY A 678 -22.21 19.88 -1.14
CA GLY A 678 -23.20 19.61 -0.13
C GLY A 678 -23.17 18.21 0.45
N ASP A 679 -22.03 17.53 0.36
CA ASP A 679 -21.88 16.18 0.87
C ASP A 679 -20.85 16.15 1.98
N ALA A 680 -20.57 14.95 2.47
CA ALA A 680 -19.58 14.72 3.53
C ALA A 680 -18.49 13.78 3.01
N VAL A 681 -17.26 14.04 3.41
CA VAL A 681 -16.11 13.26 2.96
C VAL A 681 -15.31 12.82 4.18
N ALA A 682 -14.89 11.56 4.18
CA ALA A 682 -14.10 11.02 5.27
C ALA A 682 -12.66 11.50 5.19
N GLU A 683 -11.91 11.28 6.26
CA GLU A 683 -10.51 11.69 6.34
C GLU A 683 -9.65 10.66 5.64
N GLY A 684 -9.32 10.93 4.38
CA GLY A 684 -8.53 10.01 3.59
C GLY A 684 -9.16 9.68 2.25
N GLN A 685 -10.47 9.93 2.14
CA GLN A 685 -11.18 9.65 0.91
C GLN A 685 -10.72 10.59 -0.20
N GLU A 686 -10.44 10.02 -1.37
CA GLU A 686 -9.97 10.82 -2.50
C GLU A 686 -11.12 11.68 -3.04
N ILE A 687 -10.80 12.93 -3.38
CA ILE A 687 -11.79 13.87 -3.86
C ILE A 687 -11.85 13.88 -5.38
N CYS A 688 -10.69 14.00 -6.03
CA CYS A 688 -10.62 14.01 -7.49
C CYS A 688 -9.29 13.43 -7.92
N VAL A 689 -9.23 13.01 -9.18
CA VAL A 689 -8.05 12.38 -9.75
C VAL A 689 -7.57 13.21 -10.93
N ILE A 690 -6.28 13.51 -10.94
CA ILE A 690 -5.64 14.30 -11.99
C ILE A 690 -4.56 13.45 -12.63
N GLU A 691 -4.59 13.34 -13.95
CA GLU A 691 -3.59 12.59 -14.70
C GLU A 691 -2.55 13.54 -15.28
N ALA A 692 -1.31 13.06 -15.33
CA ALA A 692 -0.20 13.80 -15.89
C ALA A 692 0.92 12.81 -16.21
N MET A 693 1.45 12.89 -17.43
CA MET A 693 2.46 11.95 -17.91
C MET A 693 1.94 10.52 -17.82
N LYS A 694 0.67 10.34 -18.22
CA LYS A 694 -0.05 9.07 -18.30
C LYS A 694 -0.33 8.44 -16.93
N MET A 695 0.13 9.03 -15.84
CA MET A 695 -0.11 8.49 -14.51
C MET A 695 -1.19 9.31 -13.82
N GLN A 696 -2.16 8.61 -13.23
CA GLN A 696 -3.26 9.25 -12.51
C GLN A 696 -2.93 9.34 -11.03
N ASN A 697 -3.05 10.53 -10.46
CA ASN A 697 -2.73 10.79 -9.07
C ASN A 697 -4.01 11.07 -8.29
N SER A 698 -4.20 10.34 -7.19
CA SER A 698 -5.38 10.49 -6.35
C SER A 698 -5.12 11.58 -5.31
N MET A 699 -5.96 12.61 -5.30
CA MET A 699 -5.83 13.71 -4.35
C MET A 699 -6.77 13.43 -3.19
N THR A 700 -6.21 13.02 -2.06
CA THR A 700 -7.00 12.65 -0.89
C THR A 700 -7.43 13.91 -0.14
N ALA A 701 -8.00 13.71 1.05
CA ALA A 701 -8.45 14.79 1.91
C ALA A 701 -7.79 14.67 3.27
N GLY A 702 -8.02 15.68 4.11
CA GLY A 702 -7.41 15.70 5.43
C GLY A 702 -8.38 15.98 6.56
N LYS A 703 -9.61 16.37 6.22
CA LYS A 703 -10.61 16.69 7.22
C LYS A 703 -11.99 16.61 6.57
N THR A 704 -13.01 16.94 7.34
CA THR A 704 -14.40 16.96 6.89
C THR A 704 -14.99 18.33 7.15
N GLY A 705 -15.62 18.91 6.12
CA GLY A 705 -16.20 20.23 6.26
C GLY A 705 -17.21 20.51 5.17
N THR A 706 -17.79 21.71 5.24
CA THR A 706 -18.78 22.14 4.26
C THR A 706 -18.10 22.77 3.07
N VAL A 707 -18.47 22.33 1.87
CA VAL A 707 -17.87 22.82 0.63
C VAL A 707 -18.46 24.19 0.33
N LYS A 708 -17.64 25.24 0.44
CA LYS A 708 -18.11 26.59 0.12
C LYS A 708 -18.37 26.73 -1.38
N SER A 709 -17.45 26.24 -2.20
CA SER A 709 -17.59 26.30 -3.65
C SER A 709 -16.67 25.28 -4.27
N VAL A 710 -16.96 24.93 -5.53
CA VAL A 710 -16.15 24.00 -6.30
C VAL A 710 -15.59 24.75 -7.50
N HIS A 711 -14.26 24.76 -7.63
CA HIS A 711 -13.57 25.47 -8.69
C HIS A 711 -12.95 24.53 -9.73
N CYS A 712 -13.36 23.26 -9.74
CA CYS A 712 -12.82 22.28 -10.65
C CYS A 712 -13.95 21.52 -11.33
N GLN A 713 -13.71 21.14 -12.58
CA GLN A 713 -14.67 20.38 -13.37
C GLN A 713 -13.94 19.25 -14.08
N ALA A 714 -14.69 18.20 -14.40
CA ALA A 714 -14.12 17.04 -15.08
C ALA A 714 -13.65 17.42 -16.47
N GLY A 715 -12.49 16.89 -16.86
CA GLY A 715 -11.92 17.17 -18.17
C GLY A 715 -11.18 18.48 -18.29
N ASP A 716 -11.02 19.22 -17.21
CA ASP A 716 -10.35 20.52 -17.25
C ASP A 716 -8.86 20.35 -16.95
N THR A 717 -8.05 21.15 -17.63
CA THR A 717 -6.61 21.16 -17.42
C THR A 717 -6.25 22.24 -16.41
N VAL A 718 -5.51 21.84 -15.37
CA VAL A 718 -5.12 22.75 -14.30
C VAL A 718 -3.61 22.70 -14.12
N GLY A 719 -3.06 23.79 -13.59
CA GLY A 719 -1.64 23.90 -13.33
C GLY A 719 -1.30 23.70 -11.86
N GLU A 720 -0.03 23.90 -11.55
CA GLU A 720 0.45 23.74 -10.18
C GLU A 720 -0.12 24.83 -9.29
N GLY A 721 -0.60 24.45 -8.11
CA GLY A 721 -1.13 25.39 -7.16
C GLY A 721 -2.52 25.92 -7.46
N ASP A 722 -3.20 25.36 -8.45
CA ASP A 722 -4.54 25.82 -8.78
C ASP A 722 -5.54 25.45 -7.70
N LEU A 723 -6.53 26.32 -7.50
CA LEU A 723 -7.55 26.09 -6.50
C LEU A 723 -8.61 25.13 -7.04
N LEU A 724 -8.89 24.08 -6.28
CA LEU A 724 -9.84 23.05 -6.70
C LEU A 724 -11.08 23.01 -5.82
N VAL A 725 -10.93 22.83 -4.51
CA VAL A 725 -12.05 22.68 -3.60
C VAL A 725 -11.78 23.51 -2.35
N GLU A 726 -12.78 24.27 -1.91
CA GLU A 726 -12.68 25.06 -0.68
C GLU A 726 -13.68 24.53 0.34
N LEU A 727 -13.19 24.20 1.52
CA LEU A 727 -14.00 23.72 2.62
C LEU A 727 -14.11 24.80 3.69
N GLU A 728 -14.79 24.45 4.79
CA GLU A 728 -14.97 25.38 5.90
C GLU A 728 -14.12 24.97 7.09
N ASP B 1 14.98 -6.55 17.40
CA ASP B 1 14.35 -6.74 16.09
C ASP B 1 14.99 -7.90 15.34
N PRO B 2 14.28 -9.03 15.26
CA PRO B 2 14.84 -10.20 14.57
C PRO B 2 15.09 -9.92 13.09
N SER B 3 16.20 -10.45 12.59
CA SER B 3 16.61 -10.18 11.22
C SER B 3 15.79 -10.95 10.19
N ASP B 4 15.07 -12.00 10.61
CA ASP B 4 14.33 -12.84 9.69
C ASP B 4 12.82 -12.65 9.79
N ARG B 5 12.37 -11.53 10.36
CA ARG B 5 10.94 -11.27 10.43
C ARG B 5 10.38 -10.96 9.05
N LEU B 6 9.15 -11.38 8.81
CA LEU B 6 8.54 -11.27 7.50
C LEU B 6 7.69 -10.01 7.41
N VAL B 7 7.47 -9.57 6.18
CA VAL B 7 6.69 -8.36 5.89
C VAL B 7 5.56 -8.70 4.92
N PRO B 8 4.51 -9.37 5.40
CA PRO B 8 3.41 -9.75 4.50
C PRO B 8 2.65 -8.57 3.92
N GLU B 9 2.75 -7.39 4.52
CA GLU B 9 2.04 -6.22 4.01
C GLU B 9 2.64 -5.70 2.71
N LEU B 10 3.80 -6.19 2.30
CA LEU B 10 4.43 -5.79 1.05
C LEU B 10 4.01 -6.64 -0.13
N ASP B 11 3.19 -7.68 0.08
CA ASP B 11 2.81 -8.56 -1.02
C ASP B 11 1.95 -7.85 -2.06
N THR B 12 1.10 -6.93 -1.62
CA THR B 12 0.20 -6.22 -2.53
C THR B 12 0.35 -4.71 -2.40
N ILE B 13 1.55 -4.24 -2.08
CA ILE B 13 1.78 -2.80 -1.97
C ILE B 13 1.80 -2.16 -3.34
N VAL B 14 2.36 -2.84 -4.33
CA VAL B 14 2.48 -2.32 -5.69
C VAL B 14 1.17 -2.61 -6.43
N PRO B 15 0.48 -1.60 -6.96
CA PRO B 15 -0.78 -1.86 -7.66
C PRO B 15 -0.57 -2.65 -8.94
N LEU B 16 -1.60 -3.41 -9.30
CA LEU B 16 -1.50 -4.34 -10.42
C LEU B 16 -1.29 -3.60 -11.74
N GLU B 17 -2.01 -2.50 -11.95
CA GLU B 17 -1.93 -1.74 -13.19
C GLU B 17 -1.00 -0.55 -13.03
N SER B 18 -0.30 -0.21 -14.11
CA SER B 18 0.90 0.61 -14.04
C SER B 18 0.63 2.12 -14.04
N THR B 19 -0.62 2.56 -14.11
CA THR B 19 -0.92 3.98 -14.08
C THR B 19 -1.23 4.50 -12.68
N LYS B 20 -1.11 3.66 -11.66
CA LYS B 20 -1.41 4.04 -10.28
C LYS B 20 -0.13 4.01 -9.47
N ALA B 21 0.00 4.98 -8.56
CA ALA B 21 1.21 5.16 -7.77
C ALA B 21 1.08 4.55 -6.39
N TYR B 22 2.20 4.49 -5.68
CA TYR B 22 2.25 4.00 -4.31
C TYR B 22 3.36 4.75 -3.58
N ASN B 23 3.30 4.69 -2.25
CA ASN B 23 4.29 5.35 -1.42
C ASN B 23 5.49 4.44 -1.22
N MET B 24 6.67 4.89 -1.66
CA MET B 24 7.90 4.14 -1.43
C MET B 24 8.35 4.22 0.02
N VAL B 25 7.92 5.24 0.75
CA VAL B 25 8.32 5.37 2.15
C VAL B 25 7.71 4.25 2.99
N ASP B 26 6.53 3.75 2.60
CA ASP B 26 5.93 2.64 3.33
C ASP B 26 6.82 1.40 3.27
N ILE B 27 7.39 1.10 2.11
CA ILE B 27 8.28 -0.05 1.98
C ILE B 27 9.51 0.12 2.85
N ILE B 28 10.10 1.32 2.83
CA ILE B 28 11.31 1.57 3.62
C ILE B 28 11.00 1.43 5.10
N HIS B 29 9.87 1.97 5.55
CA HIS B 29 9.48 1.83 6.94
C HIS B 29 9.28 0.37 7.32
N SER B 30 8.66 -0.41 6.43
CA SER B 30 8.41 -1.81 6.72
C SER B 30 9.69 -2.63 6.77
N VAL B 31 10.73 -2.20 6.04
CA VAL B 31 11.95 -3.01 5.94
C VAL B 31 12.95 -2.67 7.04
N VAL B 32 13.12 -1.39 7.39
CA VAL B 32 14.22 -1.03 8.29
C VAL B 32 13.90 -1.39 9.73
N ASP B 33 14.94 -1.40 10.56
CA ASP B 33 14.82 -1.77 11.96
C ASP B 33 13.88 -0.83 12.70
N GLU B 34 12.88 -1.40 13.36
CA GLU B 34 11.94 -0.69 14.24
C GLU B 34 11.19 0.42 13.52
N ARG B 35 11.24 0.46 12.19
CA ARG B 35 10.50 1.44 11.39
C ARG B 35 10.92 2.87 11.69
N GLU B 36 12.22 3.06 11.98
CA GLU B 36 12.79 4.37 12.23
C GLU B 36 13.65 4.78 11.04
N PHE B 37 13.47 6.01 10.57
CA PHE B 37 14.11 6.47 9.34
C PHE B 37 14.37 7.97 9.44
N PHE B 38 15.64 8.36 9.42
CA PHE B 38 16.02 9.77 9.41
C PHE B 38 16.15 10.22 7.96
N GLU B 39 15.27 11.12 7.54
CA GLU B 39 15.21 11.56 6.15
C GLU B 39 15.93 12.90 5.98
N ILE B 40 16.59 13.05 4.85
CA ILE B 40 17.43 14.22 4.56
C ILE B 40 16.77 15.04 3.47
N MET B 41 16.71 16.35 3.67
CA MET B 41 15.96 17.31 2.86
C MET B 41 14.62 16.73 2.37
N PRO B 42 13.70 16.39 3.27
CA PRO B 42 12.43 15.79 2.84
C PRO B 42 11.55 16.69 2.00
N ASN B 43 11.71 18.01 2.10
CA ASN B 43 10.83 18.96 1.44
C ASN B 43 11.40 19.51 0.15
N TYR B 44 12.57 19.02 -0.29
CA TYR B 44 13.23 19.51 -1.49
C TYR B 44 13.52 18.34 -2.40
N ALA B 45 13.18 18.48 -3.68
CA ALA B 45 13.34 17.42 -4.67
C ALA B 45 12.67 16.14 -4.21
N LYS B 46 11.38 16.25 -3.90
CA LYS B 46 10.60 15.14 -3.35
C LYS B 46 10.49 13.96 -4.32
N ASN B 47 11.05 14.09 -5.52
CA ASN B 47 11.02 13.01 -6.50
C ASN B 47 11.82 11.81 -6.01
N ILE B 48 12.81 12.02 -5.15
CA ILE B 48 13.71 10.98 -4.68
C ILE B 48 13.77 11.04 -3.16
N ILE B 49 14.08 9.91 -2.53
CA ILE B 49 14.21 9.82 -1.08
C ILE B 49 15.63 9.37 -0.75
N VAL B 50 16.29 10.12 0.13
CA VAL B 50 17.58 9.71 0.69
C VAL B 50 17.48 9.81 2.21
N GLY B 51 18.16 8.90 2.90
CA GLY B 51 18.11 8.96 4.35
C GLY B 51 19.00 7.93 5.01
N PHE B 52 19.00 7.96 6.34
CA PHE B 52 19.78 7.06 7.18
C PHE B 52 18.84 6.17 7.98
N ALA B 53 19.14 4.87 8.01
CA ALA B 53 18.38 3.93 8.80
C ALA B 53 19.35 2.89 9.36
N ARG B 54 18.81 1.85 9.98
CA ARG B 54 19.62 0.76 10.50
C ARG B 54 19.05 -0.57 10.04
N MET B 55 19.93 -1.49 9.69
CA MET B 55 19.59 -2.88 9.38
C MET B 55 20.41 -3.76 10.30
N ASN B 56 19.73 -4.52 11.15
CA ASN B 56 20.38 -5.41 12.13
C ASN B 56 21.39 -4.66 12.98
N GLY B 57 21.10 -3.40 13.29
CA GLY B 57 21.96 -2.58 14.11
C GLY B 57 23.00 -1.78 13.37
N ARG B 58 23.23 -2.05 12.09
CA ARG B 58 24.25 -1.36 11.31
C ARG B 58 23.63 -0.22 10.51
N THR B 59 24.33 0.92 10.49
CA THR B 59 23.83 2.09 9.79
C THR B 59 23.89 1.89 8.28
N VAL B 60 22.77 2.16 7.61
CA VAL B 60 22.65 2.01 6.16
C VAL B 60 22.09 3.29 5.57
N GLY B 61 22.65 3.68 4.42
CA GLY B 61 22.06 4.75 3.62
C GLY B 61 21.01 4.18 2.67
N ILE B 62 19.95 4.96 2.47
CA ILE B 62 18.79 4.53 1.71
C ILE B 62 18.53 5.54 0.61
N VAL B 63 18.43 5.05 -0.63
CA VAL B 63 18.05 5.84 -1.80
C VAL B 63 16.87 5.16 -2.47
N GLY B 64 15.85 5.93 -2.81
CA GLY B 64 14.66 5.35 -3.40
C GLY B 64 13.97 6.29 -4.35
N ASN B 65 13.33 5.72 -5.37
CA ASN B 65 12.50 6.48 -6.28
C ASN B 65 11.11 6.67 -5.68
N GLN B 66 10.54 7.86 -5.85
CA GLN B 66 9.19 8.14 -5.35
C GLN B 66 8.22 8.20 -6.52
N PRO B 67 7.42 7.16 -6.75
CA PRO B 67 6.44 7.20 -7.84
C PRO B 67 5.30 8.19 -7.61
N LYS B 68 5.13 8.72 -6.39
CA LYS B 68 4.06 9.66 -6.12
C LYS B 68 4.32 11.06 -6.69
N VAL B 69 5.59 11.42 -6.91
CA VAL B 69 5.95 12.76 -7.34
C VAL B 69 6.58 12.67 -8.72
N ALA B 70 5.96 13.34 -9.69
CA ALA B 70 6.48 13.41 -11.06
C ALA B 70 6.73 12.03 -11.65
N SER B 71 5.92 11.05 -11.23
CA SER B 71 5.98 9.67 -11.70
C SER B 71 7.29 8.99 -11.31
N GLY B 72 8.15 9.69 -10.58
CA GLY B 72 9.43 9.15 -10.18
C GLY B 72 10.57 9.33 -11.15
N CYS B 73 10.44 10.24 -12.11
CA CYS B 73 11.48 10.45 -13.11
C CYS B 73 12.63 11.27 -12.53
N LEU B 74 13.82 11.04 -13.07
CA LEU B 74 15.01 11.73 -12.60
C LEU B 74 15.02 13.18 -13.11
N ASP B 75 15.74 14.03 -12.38
CA ASP B 75 15.63 15.48 -12.54
C ASP B 75 17.00 16.11 -12.31
N ILE B 76 17.02 17.43 -12.18
CA ILE B 76 18.24 18.15 -11.83
C ILE B 76 18.50 18.03 -10.32
N ASN B 77 17.57 18.54 -9.53
CA ASN B 77 17.74 18.56 -8.08
C ASN B 77 17.84 17.16 -7.51
N SER B 78 17.02 16.24 -8.03
CA SER B 78 17.09 14.85 -7.58
C SER B 78 18.47 14.26 -7.82
N SER B 79 19.03 14.51 -9.00
CA SER B 79 20.35 13.98 -9.33
C SER B 79 21.41 14.53 -8.39
N VAL B 80 21.40 15.85 -8.17
CA VAL B 80 22.43 16.45 -7.33
C VAL B 80 22.30 15.98 -5.88
N LYS B 81 21.08 15.92 -5.36
CA LYS B 81 20.85 15.52 -3.97
C LYS B 81 21.26 14.07 -3.74
N GLY B 82 20.82 13.17 -4.64
CA GLY B 82 21.24 11.79 -4.54
C GLY B 82 22.73 11.62 -4.67
N ALA B 83 23.35 12.38 -5.58
CA ALA B 83 24.79 12.25 -5.80
C ALA B 83 25.57 12.63 -4.54
N ARG B 84 25.21 13.76 -3.92
CA ARG B 84 25.93 14.17 -2.72
C ARG B 84 25.73 13.16 -1.59
N PHE B 85 24.50 12.67 -1.41
CA PHE B 85 24.27 11.68 -0.36
C PHE B 85 25.09 10.42 -0.60
N VAL B 86 25.09 9.91 -1.82
CA VAL B 86 25.81 8.68 -2.14
C VAL B 86 27.32 8.88 -1.96
N ARG B 87 27.81 10.07 -2.33
CA ARG B 87 29.24 10.34 -2.18
C ARG B 87 29.65 10.35 -0.71
N PHE B 88 28.88 11.01 0.16
CA PHE B 88 29.21 10.96 1.59
C PHE B 88 29.13 9.54 2.12
N CYS B 89 28.08 8.82 1.74
CA CYS B 89 27.86 7.48 2.25
C CYS B 89 28.99 6.53 1.87
N ASP B 90 29.50 6.67 0.63
CA ASP B 90 30.63 5.86 0.20
C ASP B 90 31.96 6.35 0.78
N ALA B 91 32.08 7.65 1.06
CA ALA B 91 33.33 8.15 1.62
C ALA B 91 33.50 7.74 3.08
N PHE B 92 32.41 7.50 3.80
CA PHE B 92 32.51 7.17 5.22
C PHE B 92 32.08 5.73 5.53
N ASN B 93 32.23 4.82 4.57
CA ASN B 93 32.14 3.37 4.81
C ASN B 93 30.75 2.95 5.30
N ILE B 94 29.71 3.40 4.62
CA ILE B 94 28.32 3.12 4.99
C ILE B 94 27.66 2.41 3.83
N PRO B 95 27.06 1.23 4.05
CA PRO B 95 26.42 0.50 2.94
C PRO B 95 25.18 1.20 2.41
N LEU B 96 24.82 0.86 1.17
CA LEU B 96 23.75 1.52 0.44
C LEU B 96 22.66 0.53 0.05
N ILE B 97 21.41 0.95 0.20
CA ILE B 97 20.25 0.19 -0.27
C ILE B 97 19.39 1.10 -1.12
N THR B 98 19.11 0.67 -2.34
CA THR B 98 18.34 1.48 -3.28
C THR B 98 17.11 0.71 -3.77
N PHE B 99 16.01 1.45 -3.93
CA PHE B 99 14.72 0.92 -4.35
C PHE B 99 14.30 1.65 -5.61
N VAL B 100 14.37 0.97 -6.76
CA VAL B 100 14.25 1.63 -8.06
C VAL B 100 12.85 1.42 -8.62
N ASP B 101 12.21 2.52 -8.99
CA ASP B 101 10.96 2.51 -9.76
C ASP B 101 10.95 3.81 -10.57
N VAL B 102 11.47 3.74 -11.79
CA VAL B 102 11.70 4.96 -12.56
C VAL B 102 11.43 4.71 -14.05
N PRO B 103 10.67 5.58 -14.71
CA PRO B 103 10.46 5.43 -16.16
C PRO B 103 11.46 6.19 -17.03
N GLY B 104 12.22 7.11 -16.48
CA GLY B 104 13.21 7.83 -17.25
C GLY B 104 13.50 9.18 -16.61
N PHE B 105 13.68 10.19 -17.47
CA PHE B 105 13.96 11.56 -17.07
C PHE B 105 12.79 12.47 -17.47
N LEU B 106 12.67 13.59 -16.77
CA LEU B 106 11.63 14.56 -17.10
C LEU B 106 11.93 15.20 -18.46
N PRO B 107 11.00 15.14 -19.42
CA PRO B 107 11.20 15.86 -20.67
C PRO B 107 10.87 17.33 -20.51
N GLY B 108 11.28 18.10 -21.50
CA GLY B 108 11.04 19.54 -21.52
C GLY B 108 12.29 20.29 -21.93
N THR B 109 12.09 21.52 -22.39
CA THR B 109 13.21 22.37 -22.78
C THR B 109 13.91 22.99 -21.58
N ALA B 110 13.21 23.16 -20.46
CA ALA B 110 13.83 23.74 -19.27
C ALA B 110 14.91 22.82 -18.70
N GLN B 111 14.67 21.52 -18.70
CA GLN B 111 15.69 20.57 -18.27
C GLN B 111 16.84 20.50 -19.25
N GLU B 112 16.57 20.68 -20.53
CA GLU B 112 17.61 20.57 -21.55
C GLU B 112 18.52 21.78 -21.54
N TYR B 113 17.96 22.98 -21.37
CA TYR B 113 18.75 24.20 -21.26
C TYR B 113 19.43 24.33 -19.91
N GLY B 114 18.95 23.64 -18.88
CA GLY B 114 19.58 23.69 -17.59
C GLY B 114 20.76 22.77 -17.40
N GLY B 115 21.03 21.91 -18.39
CA GLY B 115 22.15 20.99 -18.30
C GLY B 115 21.84 19.72 -17.56
N ILE B 116 20.80 19.00 -17.99
CA ILE B 116 20.43 17.76 -17.31
C ILE B 116 21.42 16.64 -17.63
N ILE B 117 22.16 16.76 -18.71
CA ILE B 117 23.19 15.76 -19.04
C ILE B 117 24.27 15.75 -17.96
N ARG B 118 24.71 16.94 -17.53
CA ARG B 118 25.75 17.02 -16.51
C ARG B 118 25.30 16.41 -15.19
N HIS B 119 24.07 16.69 -14.77
CA HIS B 119 23.61 16.22 -13.47
C HIS B 119 23.25 14.74 -13.49
N GLY B 120 22.70 14.25 -14.61
CA GLY B 120 22.55 12.82 -14.77
C GLY B 120 23.89 12.10 -14.72
N ALA B 121 24.92 12.68 -15.35
CA ALA B 121 26.26 12.13 -15.25
C ALA B 121 26.78 12.18 -13.82
N LYS B 122 26.42 13.22 -13.07
CA LYS B 122 26.80 13.30 -11.66
C LYS B 122 26.26 12.11 -10.88
N LEU B 123 24.97 11.82 -11.03
CA LEU B 123 24.38 10.69 -10.31
C LEU B 123 24.98 9.35 -10.77
N LEU B 124 25.15 9.19 -12.09
CA LEU B 124 25.75 7.97 -12.60
C LEU B 124 27.16 7.77 -12.06
N TYR B 125 27.96 8.84 -12.04
CA TYR B 125 29.31 8.78 -11.50
C TYR B 125 29.29 8.41 -10.03
N ALA B 126 28.39 9.02 -9.25
CA ALA B 126 28.33 8.71 -7.83
C ALA B 126 28.06 7.23 -7.61
N PHE B 127 27.10 6.67 -8.36
CA PHE B 127 26.81 5.25 -8.18
C PHE B 127 27.96 4.37 -8.66
N ALA B 128 28.59 4.71 -9.79
CA ALA B 128 29.60 3.84 -10.37
C ALA B 128 30.92 3.90 -9.60
N GLU B 129 31.19 5.00 -8.91
CA GLU B 129 32.45 5.20 -8.22
C GLU B 129 32.41 4.72 -6.77
N ALA B 130 31.28 4.22 -6.31
CA ALA B 130 31.15 3.75 -4.94
C ALA B 130 31.84 2.40 -4.74
N THR B 131 32.41 2.22 -3.55
CA THR B 131 33.13 1.00 -3.20
C THR B 131 32.55 0.25 -2.01
N VAL B 132 31.61 0.85 -1.29
CA VAL B 132 30.94 0.20 -0.17
C VAL B 132 29.92 -0.79 -0.72
N PRO B 133 29.52 -1.81 0.05
CA PRO B 133 28.49 -2.73 -0.44
C PRO B 133 27.17 -2.03 -0.72
N LYS B 134 26.49 -2.46 -1.77
CA LYS B 134 25.23 -1.84 -2.19
C LYS B 134 24.27 -2.90 -2.69
N VAL B 135 22.99 -2.73 -2.35
CA VAL B 135 21.93 -3.68 -2.70
C VAL B 135 20.80 -2.92 -3.38
N THR B 136 20.35 -3.43 -4.52
CA THR B 136 19.29 -2.81 -5.31
C THR B 136 18.07 -3.71 -5.37
N VAL B 137 16.89 -3.12 -5.23
CA VAL B 137 15.62 -3.84 -5.36
C VAL B 137 14.78 -3.13 -6.42
N ILE B 138 14.39 -3.86 -7.46
CA ILE B 138 13.51 -3.35 -8.51
C ILE B 138 12.09 -3.76 -8.16
N THR B 139 11.22 -2.78 -7.94
CA THR B 139 9.87 -3.05 -7.48
C THR B 139 8.89 -3.17 -8.64
N ARG B 140 8.80 -2.14 -9.48
CA ARG B 140 7.87 -2.17 -10.61
C ARG B 140 8.57 -2.04 -11.97
N LYS B 141 9.38 -1.01 -12.19
CA LYS B 141 9.83 -0.74 -13.55
C LYS B 141 11.17 0.00 -13.55
N ALA B 142 11.93 -0.21 -14.62
CA ALA B 142 13.22 0.45 -14.82
C ALA B 142 13.48 0.48 -16.32
N TYR B 143 13.26 1.64 -16.95
CA TYR B 143 13.30 1.78 -18.40
C TYR B 143 14.53 2.57 -18.82
N GLY B 144 15.24 2.05 -19.82
CA GLY B 144 16.23 2.82 -20.53
C GLY B 144 17.49 3.08 -19.74
N GLY B 145 18.13 4.21 -20.07
CA GLY B 145 19.34 4.62 -19.39
C GLY B 145 19.14 4.92 -17.92
N ALA B 146 17.90 5.20 -17.52
CA ALA B 146 17.61 5.35 -16.10
C ALA B 146 17.87 4.06 -15.34
N TYR B 147 17.68 2.91 -15.99
CA TYR B 147 17.98 1.64 -15.35
C TYR B 147 19.47 1.51 -15.06
N ASP B 148 20.31 1.94 -16.00
CA ASP B 148 21.76 1.87 -15.79
C ASP B 148 22.21 2.91 -14.78
N VAL B 149 21.58 4.09 -14.78
CA VAL B 149 21.97 5.15 -13.86
C VAL B 149 21.74 4.72 -12.41
N MET B 150 20.58 4.12 -12.14
CA MET B 150 20.14 3.92 -10.76
C MET B 150 20.66 2.59 -10.20
N SER B 151 21.99 2.50 -10.10
CA SER B 151 22.67 1.38 -9.44
C SER B 151 22.35 0.05 -10.12
N SER B 152 22.80 -0.06 -11.37
CA SER B 152 22.59 -1.28 -12.14
C SER B 152 23.59 -2.37 -11.75
N LYS B 153 23.37 -3.56 -12.30
CA LYS B 153 24.30 -4.67 -12.08
C LYS B 153 25.66 -4.40 -12.69
N HIS B 154 25.69 -3.86 -13.91
CA HIS B 154 26.95 -3.75 -14.64
C HIS B 154 27.81 -2.59 -14.17
N LEU B 155 27.30 -1.73 -13.28
CA LEU B 155 28.11 -0.72 -12.62
C LEU B 155 28.70 -1.26 -11.32
N CYS B 156 29.33 -2.44 -11.40
CA CYS B 156 29.94 -3.11 -10.26
C CYS B 156 28.95 -3.28 -9.11
N GLY B 157 27.72 -3.67 -9.44
CA GLY B 157 26.74 -3.93 -8.41
C GLY B 157 27.03 -5.21 -7.65
N ASP B 158 26.49 -5.29 -6.44
CA ASP B 158 26.74 -6.42 -5.55
C ASP B 158 25.59 -7.43 -5.55
N THR B 159 24.39 -6.98 -5.19
CA THR B 159 23.23 -7.86 -5.14
C THR B 159 22.04 -7.13 -5.74
N ASN B 160 21.34 -7.78 -6.65
CA ASN B 160 20.21 -7.17 -7.36
C ASN B 160 19.02 -8.11 -7.35
N TYR B 161 17.86 -7.59 -6.97
CA TYR B 161 16.66 -8.37 -6.85
C TYR B 161 15.53 -7.73 -7.65
N ALA B 162 14.52 -8.53 -7.97
CA ALA B 162 13.35 -8.05 -8.67
C ALA B 162 12.11 -8.67 -8.06
N TRP B 163 11.10 -7.85 -7.80
CA TRP B 163 9.81 -8.36 -7.38
C TRP B 163 9.05 -8.89 -8.59
N PRO B 164 8.10 -9.80 -8.38
CA PRO B 164 7.34 -10.35 -9.52
C PRO B 164 6.58 -9.31 -10.34
N THR B 165 6.44 -8.08 -9.84
CA THR B 165 5.81 -7.00 -10.58
C THR B 165 6.80 -6.15 -11.36
N ALA B 166 8.09 -6.52 -11.34
CA ALA B 166 9.11 -5.75 -12.03
C ALA B 166 9.13 -6.05 -13.52
N GLU B 167 9.32 -5.01 -14.33
CA GLU B 167 9.57 -5.18 -15.75
C GLU B 167 10.72 -4.27 -16.17
N ILE B 168 11.66 -4.84 -16.92
CA ILE B 168 12.87 -4.14 -17.35
C ILE B 168 12.92 -4.17 -18.87
N ALA B 169 13.09 -3.00 -19.47
CA ALA B 169 13.09 -2.89 -20.92
C ALA B 169 13.86 -1.62 -21.32
N VAL B 170 14.22 -1.56 -22.60
CA VAL B 170 14.84 -0.35 -23.15
C VAL B 170 13.87 0.81 -23.19
N MET B 171 12.57 0.54 -23.33
CA MET B 171 11.55 1.59 -23.37
C MET B 171 10.17 0.97 -23.22
N GLY B 172 9.13 1.78 -23.41
CA GLY B 172 7.78 1.26 -23.30
C GLY B 172 7.46 0.24 -24.38
N ALA B 173 6.49 -0.62 -24.07
CA ALA B 173 6.13 -1.70 -24.99
C ALA B 173 5.55 -1.16 -26.28
N LYS B 174 4.68 -0.15 -26.19
CA LYS B 174 4.03 0.37 -27.39
C LYS B 174 5.05 0.98 -28.34
N GLY B 175 5.95 1.82 -27.82
CA GLY B 175 6.97 2.41 -28.67
C GLY B 175 7.87 1.36 -29.29
N ALA B 176 8.26 0.35 -28.51
CA ALA B 176 9.11 -0.71 -29.05
C ALA B 176 8.42 -1.46 -30.18
N VAL B 177 7.14 -1.80 -30.00
CA VAL B 177 6.46 -2.57 -31.04
C VAL B 177 6.19 -1.70 -32.26
N GLU B 178 6.06 -0.38 -32.10
CA GLU B 178 5.83 0.45 -33.27
C GLU B 178 7.13 0.94 -33.92
N ILE B 179 8.29 0.71 -33.31
CA ILE B 179 9.56 0.97 -33.98
C ILE B 179 10.32 -0.30 -34.32
N ILE B 180 9.77 -1.48 -34.02
CA ILE B 180 10.36 -2.73 -34.48
C ILE B 180 9.60 -3.23 -35.70
N PHE B 181 8.31 -3.51 -35.52
CA PHE B 181 7.47 -3.96 -36.62
C PHE B 181 6.72 -2.79 -37.23
N LYS B 182 7.33 -2.14 -38.21
CA LYS B 182 6.77 -0.92 -38.81
C LYS B 182 6.40 -1.15 -40.27
N GLY B 183 7.18 -1.93 -41.01
CA GLY B 183 6.93 -2.15 -42.42
C GLY B 183 5.59 -2.78 -42.71
N HIS B 184 5.21 -3.80 -41.94
CA HIS B 184 3.94 -4.50 -42.10
C HIS B 184 3.05 -4.18 -40.90
N GLU B 185 1.85 -3.68 -41.17
CA GLU B 185 0.91 -3.38 -40.10
C GLU B 185 0.46 -4.65 -39.41
N ASN B 186 0.38 -4.60 -38.08
CA ASN B 186 0.04 -5.76 -37.27
C ASN B 186 -1.12 -5.40 -36.35
N VAL B 187 -2.05 -6.32 -36.17
CA VAL B 187 -3.22 -6.13 -35.32
C VAL B 187 -3.20 -7.20 -34.23
N GLU B 188 -2.80 -6.80 -33.02
CA GLU B 188 -2.98 -7.57 -31.79
C GLU B 188 -2.05 -8.78 -31.74
N ALA B 189 -1.35 -9.09 -32.83
CA ALA B 189 -0.45 -10.24 -32.82
C ALA B 189 0.91 -9.87 -32.24
N ALA B 190 1.59 -8.92 -32.89
CA ALA B 190 2.89 -8.48 -32.40
C ALA B 190 2.79 -7.88 -31.02
N GLN B 191 1.76 -7.08 -30.77
CA GLN B 191 1.58 -6.47 -29.46
C GLN B 191 1.43 -7.54 -28.38
N ALA B 192 0.58 -8.53 -28.63
CA ALA B 192 0.35 -9.57 -27.64
C ALA B 192 1.60 -10.40 -27.38
N GLU B 193 2.31 -10.79 -28.44
CA GLU B 193 3.50 -11.60 -28.25
C GLU B 193 4.59 -10.82 -27.52
N TYR B 194 4.76 -9.54 -27.86
CA TYR B 194 5.77 -8.72 -27.19
C TYR B 194 5.40 -8.52 -25.73
N ILE B 195 4.12 -8.32 -25.42
CA ILE B 195 3.70 -8.15 -24.04
C ILE B 195 3.92 -9.43 -23.24
N GLU B 196 3.55 -10.58 -23.80
CA GLU B 196 3.68 -11.82 -23.04
C GLU B 196 5.11 -12.33 -23.00
N LYS B 197 6.01 -11.78 -23.80
CA LYS B 197 7.40 -12.21 -23.77
C LYS B 197 8.37 -11.23 -23.09
N PHE B 198 8.04 -9.94 -23.02
CA PHE B 198 8.99 -8.95 -22.52
C PHE B 198 8.48 -8.08 -21.38
N ALA B 199 7.22 -8.22 -20.97
CA ALA B 199 6.67 -7.44 -19.86
C ALA B 199 6.79 -8.21 -18.54
N ASN B 200 8.02 -8.56 -18.22
CA ASN B 200 8.34 -9.41 -17.08
C ASN B 200 9.86 -9.41 -16.90
N PRO B 201 10.35 -9.83 -15.72
CA PRO B 201 11.81 -9.79 -15.48
C PRO B 201 12.58 -10.88 -16.20
N PHE B 202 11.89 -11.81 -16.87
CA PHE B 202 12.57 -12.98 -17.42
C PHE B 202 13.68 -12.65 -18.42
N PRO B 203 13.50 -11.73 -19.38
CA PRO B 203 14.63 -11.41 -20.27
C PRO B 203 15.85 -10.90 -19.54
N ALA B 204 15.68 -10.31 -18.36
CA ALA B 204 16.82 -9.94 -17.54
C ALA B 204 17.27 -11.06 -16.61
N ALA B 205 16.35 -11.94 -16.22
CA ALA B 205 16.69 -13.04 -15.32
C ALA B 205 17.42 -14.16 -16.04
N VAL B 206 17.14 -14.38 -17.32
CA VAL B 206 17.82 -15.44 -18.06
C VAL B 206 19.26 -15.08 -18.39
N ARG B 207 19.60 -13.80 -18.40
CA ARG B 207 20.94 -13.35 -18.70
C ARG B 207 21.77 -13.07 -17.46
N GLY B 208 21.24 -13.36 -16.27
CA GLY B 208 21.96 -13.12 -15.05
C GLY B 208 22.05 -11.66 -14.64
N PHE B 209 21.18 -10.80 -15.17
CA PHE B 209 21.20 -9.39 -14.83
C PHE B 209 20.62 -9.13 -13.45
N VAL B 210 19.73 -10.01 -12.98
CA VAL B 210 19.23 -9.98 -11.60
C VAL B 210 19.54 -11.32 -10.97
N ASP B 211 19.94 -11.29 -9.69
CA ASP B 211 20.32 -12.52 -9.00
C ASP B 211 19.15 -13.47 -8.88
N ASP B 212 17.97 -12.97 -8.50
CA ASP B 212 16.83 -13.82 -8.26
C ASP B 212 15.58 -12.97 -8.27
N ILE B 213 14.44 -13.63 -8.44
CA ILE B 213 13.13 -13.00 -8.32
C ILE B 213 12.53 -13.48 -7.00
N ILE B 214 12.38 -12.55 -6.05
CA ILE B 214 12.02 -12.91 -4.69
C ILE B 214 10.60 -12.44 -4.40
N GLN B 215 9.97 -13.11 -3.44
CA GLN B 215 8.68 -12.66 -2.94
C GLN B 215 8.86 -11.40 -2.10
N PRO B 216 7.95 -10.42 -2.22
CA PRO B 216 8.11 -9.19 -1.43
C PRO B 216 8.19 -9.44 0.07
N SER B 217 7.38 -10.36 0.60
CA SER B 217 7.33 -10.57 2.05
C SER B 217 8.64 -11.09 2.62
N SER B 218 9.57 -11.53 1.79
CA SER B 218 10.87 -12.00 2.25
C SER B 218 12.00 -11.03 1.93
N THR B 219 11.69 -9.79 1.54
CA THR B 219 12.75 -8.89 1.12
C THR B 219 13.72 -8.61 2.26
N ARG B 220 13.20 -8.20 3.42
CA ARG B 220 14.05 -7.71 4.50
C ARG B 220 15.08 -8.75 4.90
N ALA B 221 14.60 -9.96 5.20
CA ALA B 221 15.51 -11.05 5.59
C ALA B 221 16.64 -11.20 4.58
N ARG B 222 16.29 -11.22 3.29
CA ARG B 222 17.32 -11.40 2.27
C ARG B 222 18.34 -10.27 2.33
N ILE B 223 17.88 -9.03 2.47
CA ILE B 223 18.81 -7.91 2.61
C ILE B 223 19.70 -8.13 3.82
N CYS B 224 19.10 -8.52 4.95
CA CYS B 224 19.88 -8.72 6.16
C CYS B 224 20.90 -9.83 5.97
N CYS B 225 20.64 -10.77 5.06
CA CYS B 225 21.64 -11.79 4.77
C CYS B 225 22.79 -11.20 3.98
N ASP B 226 22.48 -10.42 2.93
CA ASP B 226 23.51 -9.97 2.00
C ASP B 226 24.54 -9.10 2.70
N LEU B 227 24.06 -8.13 3.49
CA LEU B 227 24.97 -7.27 4.24
C LEU B 227 25.87 -8.11 5.13
N ASP B 228 25.32 -9.15 5.76
CA ASP B 228 26.11 -9.99 6.65
C ASP B 228 27.28 -10.64 5.94
N VAL B 229 27.20 -10.79 4.62
CA VAL B 229 28.27 -11.42 3.85
C VAL B 229 29.12 -10.34 3.21
N LEU B 230 28.54 -9.17 2.97
CA LEU B 230 29.21 -8.15 2.16
C LEU B 230 30.09 -7.22 2.98
N ALA B 231 30.10 -7.35 4.30
CA ALA B 231 30.92 -6.47 5.14
C ALA B 231 32.40 -6.68 4.94
N SER B 232 32.81 -7.77 4.28
CA SER B 232 34.22 -8.08 4.03
C SER B 232 34.65 -7.69 2.63
N LYS B 233 33.98 -6.72 2.00
CA LYS B 233 34.19 -6.39 0.61
C LYS B 233 35.31 -5.35 0.48
N LYS B 234 36.32 -5.68 -0.34
CA LYS B 234 37.40 -4.77 -0.65
C LYS B 234 37.76 -4.90 -2.11
N VAL B 235 37.98 -3.76 -2.77
CA VAL B 235 38.33 -3.72 -4.19
C VAL B 235 39.57 -2.87 -4.37
N GLN B 236 40.22 -3.04 -5.52
CA GLN B 236 41.40 -2.25 -5.88
C GLN B 236 41.18 -1.58 -7.22
N ARG B 237 41.62 -0.33 -7.32
CA ARG B 237 41.46 0.51 -8.50
C ARG B 237 42.80 1.16 -8.82
N PRO B 238 43.00 1.57 -10.09
CA PRO B 238 44.29 2.17 -10.46
C PRO B 238 44.57 3.45 -9.71
N TRP B 239 45.86 3.72 -9.51
CA TRP B 239 46.28 4.89 -8.75
C TRP B 239 45.86 6.17 -9.47
N ARG B 240 45.54 7.19 -8.68
CA ARG B 240 44.98 8.43 -9.19
C ARG B 240 45.01 9.48 -8.09
N LYS B 241 45.43 10.69 -8.45
CA LYS B 241 45.43 11.80 -7.48
C LYS B 241 44.01 12.12 -7.04
N HIS B 242 43.17 12.55 -7.97
CA HIS B 242 41.73 12.68 -7.77
C HIS B 242 41.07 12.61 -9.13
N ALA B 243 39.78 12.26 -9.12
CA ALA B 243 39.06 12.10 -10.36
C ALA B 243 38.37 13.40 -10.76
N ASN B 244 37.92 13.45 -12.02
CA ASN B 244 37.25 14.62 -12.55
C ASN B 244 35.76 14.32 -12.64
N ILE B 245 35.07 14.54 -11.53
CA ILE B 245 33.61 14.37 -11.51
C ILE B 245 32.97 15.43 -12.40
N PRO B 246 31.90 15.12 -13.13
CA PRO B 246 31.29 16.15 -13.98
C PRO B 246 30.57 17.22 -13.19
N LEU B 247 31.30 18.02 -12.41
CA LEU B 247 30.68 19.07 -11.61
C LEU B 247 30.30 20.26 -12.49
N ALA C 32 34.94 -25.64 -53.03
CA ALA C 32 35.15 -24.91 -54.26
C ALA C 32 36.05 -23.70 -54.03
N THR C 33 35.46 -22.58 -53.63
CA THR C 33 36.22 -21.38 -53.38
C THR C 33 37.07 -21.52 -52.13
N SER C 34 38.24 -20.90 -52.15
CA SER C 34 39.18 -20.96 -51.04
C SER C 34 38.74 -20.05 -49.91
N VAL C 35 39.50 -20.05 -48.82
CA VAL C 35 39.20 -19.17 -47.69
C VAL C 35 39.89 -17.81 -47.83
N ASN C 36 40.98 -17.73 -48.60
CA ASN C 36 41.65 -16.45 -48.79
C ASN C 36 40.77 -15.47 -49.55
N GLU C 37 40.06 -15.95 -50.58
CA GLU C 37 39.13 -15.09 -51.30
C GLU C 37 37.98 -14.66 -50.40
N ARG C 38 37.53 -15.54 -49.51
CA ARG C 38 36.49 -15.16 -48.55
C ARG C 38 36.99 -14.09 -47.59
N ILE C 39 38.25 -14.21 -47.16
CA ILE C 39 38.83 -13.19 -46.29
C ILE C 39 38.90 -11.85 -47.02
N GLU C 40 39.31 -11.87 -48.29
CA GLU C 40 39.35 -10.64 -49.08
C GLU C 40 37.97 -10.04 -49.25
N ASN C 41 36.96 -10.88 -49.49
CA ASN C 41 35.59 -10.39 -49.64
C ASN C 41 35.11 -9.73 -48.36
N LYS C 42 35.34 -10.39 -47.22
CA LYS C 42 34.99 -9.80 -45.92
C LYS C 42 35.72 -8.47 -45.73
N ARG C 43 36.98 -8.42 -46.15
CA ARG C 43 37.78 -7.22 -45.96
C ARG C 43 37.21 -6.04 -46.73
N ARG C 44 36.90 -6.22 -48.01
CA ARG C 44 36.43 -5.04 -48.73
C ARG C 44 34.95 -4.75 -48.47
N THR C 45 34.18 -5.71 -47.96
CA THR C 45 32.88 -5.34 -47.38
C THR C 45 33.07 -4.44 -46.17
N ALA C 46 34.04 -4.74 -45.31
CA ALA C 46 34.28 -3.89 -44.15
C ALA C 46 34.79 -2.52 -44.56
N LEU C 47 35.68 -2.46 -45.55
CA LEU C 47 36.14 -1.16 -46.05
C LEU C 47 35.01 -0.35 -46.66
N LEU C 48 34.15 -0.98 -47.47
CA LEU C 48 33.07 -0.21 -48.08
C LEU C 48 31.95 0.13 -47.10
N GLY C 49 31.96 -0.41 -45.89
CA GLY C 49 30.91 -0.06 -44.94
C GLY C 49 29.59 -0.66 -45.36
N GLY C 50 28.54 0.17 -45.33
CA GLY C 50 27.21 -0.25 -45.67
C GLY C 50 26.81 -0.09 -47.12
N GLY C 51 27.72 0.33 -47.99
CA GLY C 51 27.41 0.49 -49.39
C GLY C 51 27.76 1.86 -49.94
N GLN C 52 27.89 1.97 -51.26
CA GLN C 52 28.27 3.24 -51.86
C GLN C 52 27.11 4.23 -51.87
N ARG C 53 25.87 3.75 -51.97
CA ARG C 53 24.74 4.67 -51.95
C ARG C 53 24.59 5.33 -50.58
N ARG C 54 24.82 4.59 -49.51
CA ARG C 54 24.74 5.19 -48.18
C ARG C 54 25.91 6.14 -47.93
N ILE C 55 27.09 5.83 -48.47
CA ILE C 55 28.20 6.77 -48.37
C ILE C 55 27.91 8.04 -49.14
N ASP C 56 27.28 7.91 -50.32
CA ASP C 56 26.89 9.08 -51.09
C ASP C 56 25.87 9.92 -50.33
N ALA C 57 24.91 9.26 -49.68
CA ALA C 57 23.96 10.00 -48.85
C ALA C 57 24.65 10.71 -47.69
N GLN C 58 25.63 10.04 -47.06
CA GLN C 58 26.39 10.65 -45.99
C GLN C 58 27.13 11.89 -46.47
N HIS C 59 27.76 11.80 -47.64
CA HIS C 59 28.51 12.92 -48.19
C HIS C 59 27.60 14.06 -48.63
N LYS C 60 26.40 13.73 -49.12
CA LYS C 60 25.43 14.77 -49.47
C LYS C 60 24.80 15.40 -48.24
N ARG C 61 24.82 14.71 -47.11
CA ARG C 61 24.33 15.31 -45.87
C ARG C 61 25.23 16.44 -45.38
N GLY C 62 26.46 16.51 -45.87
CA GLY C 62 27.39 17.56 -45.51
C GLY C 62 28.59 17.10 -44.71
N LYS C 63 28.61 15.85 -44.27
CA LYS C 63 29.69 15.30 -43.46
C LYS C 63 30.33 14.12 -44.18
N LEU C 64 31.29 13.50 -43.51
CA LEU C 64 32.12 12.44 -44.09
C LEU C 64 32.13 11.21 -43.18
N THR C 65 32.83 10.17 -43.62
CA THR C 65 32.70 8.85 -43.03
C THR C 65 33.71 8.64 -41.89
N ALA C 66 33.65 7.45 -41.27
CA ALA C 66 34.48 7.17 -40.11
C ALA C 66 35.93 6.92 -40.49
N ARG C 67 36.15 6.16 -41.57
CA ARG C 67 37.51 5.90 -42.03
C ARG C 67 38.21 7.19 -42.43
N GLU C 68 37.48 8.09 -43.11
CA GLU C 68 38.06 9.37 -43.51
C GLU C 68 38.40 10.21 -42.29
N ARG C 69 37.54 10.19 -41.27
CA ARG C 69 37.83 10.90 -40.02
C ARG C 69 39.12 10.39 -39.40
N ILE C 70 39.27 9.06 -39.32
CA ILE C 70 40.47 8.49 -38.70
C ILE C 70 41.71 8.85 -39.50
N SER C 71 41.62 8.76 -40.83
CA SER C 71 42.77 9.11 -41.67
C SER C 71 43.12 10.59 -41.56
N LEU C 72 42.14 11.45 -41.30
CA LEU C 72 42.38 12.87 -41.18
C LEU C 72 42.84 13.30 -39.79
N LEU C 73 42.59 12.47 -38.77
CA LEU C 73 43.03 12.81 -37.42
C LEU C 73 44.43 12.31 -37.10
N LEU C 74 44.82 11.16 -37.64
CA LEU C 74 46.09 10.53 -37.29
C LEU C 74 47.17 10.82 -38.34
N ASP C 75 48.40 10.51 -37.97
CA ASP C 75 49.51 10.61 -38.90
C ASP C 75 49.36 9.56 -40.00
N PRO C 76 49.88 9.83 -41.20
CA PRO C 76 49.75 8.88 -42.30
C PRO C 76 50.47 7.57 -41.99
N GLY C 77 49.73 6.47 -42.11
CA GLY C 77 50.31 5.15 -41.98
C GLY C 77 50.58 4.69 -40.56
N SER C 78 50.02 5.36 -39.56
CA SER C 78 50.23 4.99 -38.17
C SER C 78 49.04 4.28 -37.55
N PHE C 79 47.94 4.12 -38.27
CA PHE C 79 46.74 3.52 -37.73
C PHE C 79 46.79 2.00 -37.86
N VAL C 80 46.58 1.32 -36.75
CA VAL C 80 46.51 -0.13 -36.71
C VAL C 80 45.12 -0.49 -36.20
N GLU C 81 44.23 -0.87 -37.11
CA GLU C 81 42.88 -1.26 -36.73
C GLU C 81 42.92 -2.55 -35.91
N SER C 82 42.11 -2.58 -34.86
CA SER C 82 42.04 -3.73 -33.97
C SER C 82 40.67 -4.37 -34.08
N ASP C 83 40.66 -5.70 -34.22
CA ASP C 83 39.45 -6.51 -34.14
C ASP C 83 38.45 -6.10 -35.23
N MET C 84 38.91 -6.22 -36.48
CA MET C 84 38.15 -5.74 -37.62
C MET C 84 36.98 -6.66 -37.94
N PHE C 85 37.15 -7.97 -37.84
CA PHE C 85 36.12 -8.94 -38.18
C PHE C 85 35.26 -9.21 -36.95
N VAL C 86 34.11 -8.53 -36.85
CA VAL C 86 33.12 -8.81 -35.83
C VAL C 86 31.74 -8.77 -36.46
N GLU C 87 30.94 -9.80 -36.21
CA GLU C 87 29.55 -9.86 -36.61
C GLU C 87 28.68 -9.99 -35.38
N HIS C 88 27.59 -9.22 -35.34
CA HIS C 88 26.71 -9.22 -34.18
C HIS C 88 25.99 -10.56 -34.04
N ARG C 89 25.66 -10.90 -32.80
CA ARG C 89 24.98 -12.14 -32.46
C ARG C 89 23.57 -11.80 -31.98
N CYS C 90 22.61 -11.81 -32.92
CA CYS C 90 21.22 -11.51 -32.59
C CYS C 90 20.36 -12.21 -33.64
N ALA C 91 19.78 -13.36 -33.26
CA ALA C 91 18.93 -14.14 -34.15
C ALA C 91 17.45 -13.83 -33.98
N ASP C 92 17.08 -12.95 -33.05
CA ASP C 92 15.68 -12.65 -32.82
C ASP C 92 15.16 -11.64 -33.84
N PHE C 93 13.84 -11.63 -33.99
CA PHE C 93 13.13 -10.69 -34.87
C PHE C 93 13.55 -10.80 -36.33
N GLY C 94 14.08 -11.95 -36.72
CA GLY C 94 14.42 -12.18 -38.11
C GLY C 94 15.49 -11.27 -38.65
N MET C 95 16.48 -10.93 -37.84
CA MET C 95 17.61 -10.12 -38.30
C MET C 95 18.90 -10.94 -38.41
N ALA C 96 18.79 -12.27 -38.41
CA ALA C 96 19.94 -13.14 -38.59
C ALA C 96 20.18 -13.50 -40.06
N ALA C 97 19.39 -12.96 -40.97
CA ALA C 97 19.57 -13.25 -42.39
C ALA C 97 20.83 -12.59 -42.92
N ASP C 98 21.22 -12.99 -44.13
CA ASP C 98 22.42 -12.45 -44.75
C ASP C 98 22.25 -11.02 -45.23
N LYS C 99 21.02 -10.51 -45.31
CA LYS C 99 20.80 -9.16 -45.82
C LYS C 99 21.25 -8.09 -44.83
N ASN C 100 21.43 -8.44 -43.56
CA ASN C 100 21.85 -7.49 -42.53
C ASN C 100 22.98 -8.05 -41.69
N LYS C 101 23.98 -8.62 -42.36
CA LYS C 101 25.23 -9.02 -41.74
C LYS C 101 26.31 -8.03 -42.13
N PHE C 102 26.91 -7.38 -41.14
CA PHE C 102 27.90 -6.33 -41.38
C PHE C 102 29.11 -6.54 -40.48
N PRO C 103 30.26 -6.95 -41.03
CA PRO C 103 31.46 -7.04 -40.21
C PRO C 103 31.87 -5.66 -39.70
N GLY C 104 32.40 -5.64 -38.48
CA GLY C 104 32.75 -4.40 -37.79
C GLY C 104 31.62 -3.86 -36.93
N ASP C 105 30.40 -3.85 -37.44
CA ASP C 105 29.20 -3.51 -36.69
C ASP C 105 29.23 -2.07 -36.17
N SER C 106 29.36 -1.14 -37.12
CA SER C 106 29.07 0.27 -36.90
C SER C 106 30.05 0.95 -35.95
N VAL C 107 31.28 0.47 -35.86
CA VAL C 107 32.31 1.17 -35.10
C VAL C 107 33.67 0.75 -35.63
N VAL C 108 34.59 1.71 -35.68
CA VAL C 108 35.98 1.48 -36.08
C VAL C 108 36.85 1.85 -34.89
N THR C 109 37.65 0.91 -34.42
CA THR C 109 38.49 1.09 -33.24
C THR C 109 39.94 0.80 -33.59
N GLY C 110 40.86 1.48 -32.91
CA GLY C 110 42.25 1.19 -33.13
C GLY C 110 43.17 2.12 -32.36
N ARG C 111 44.45 2.05 -32.72
CA ARG C 111 45.51 2.87 -32.12
C ARG C 111 46.34 3.50 -33.22
N GLY C 112 46.74 4.74 -32.99
CA GLY C 112 47.62 5.45 -33.91
C GLY C 112 48.54 6.40 -33.19
N ARG C 113 49.11 7.37 -33.91
CA ARG C 113 50.03 8.33 -33.30
C ARG C 113 49.74 9.72 -33.82
N ILE C 114 49.80 10.70 -32.91
CA ILE C 114 49.73 12.11 -33.25
C ILE C 114 51.07 12.73 -32.89
N ASN C 115 51.74 13.28 -33.90
CA ASN C 115 53.07 13.90 -33.74
C ASN C 115 54.05 12.96 -33.05
N GLY C 116 53.83 11.65 -33.18
CA GLY C 116 54.69 10.65 -32.62
C GLY C 116 54.20 10.01 -31.34
N ARG C 117 53.26 10.62 -30.64
CA ARG C 117 52.77 10.09 -29.38
C ARG C 117 51.57 9.17 -29.62
N LEU C 118 51.55 8.04 -28.92
CA LEU C 118 50.52 7.04 -29.12
C LEU C 118 49.17 7.49 -28.58
N VAL C 119 48.10 7.06 -29.24
CA VAL C 119 46.74 7.39 -28.85
C VAL C 119 45.81 6.29 -29.33
N TYR C 120 44.70 6.11 -28.61
CA TYR C 120 43.66 5.16 -28.98
C TYR C 120 42.41 5.91 -29.42
N VAL C 121 41.73 5.39 -30.43
CA VAL C 121 40.64 6.11 -31.07
C VAL C 121 39.52 5.15 -31.41
N PHE C 122 38.28 5.60 -31.20
CA PHE C 122 37.13 4.91 -31.75
C PHE C 122 36.23 5.92 -32.48
N SER C 123 35.65 5.49 -33.58
CA SER C 123 34.78 6.32 -34.41
C SER C 123 33.54 5.52 -34.75
N GLN C 124 32.37 6.08 -34.41
CA GLN C 124 31.10 5.41 -34.64
C GLN C 124 30.61 5.65 -36.06
N ASP C 125 30.14 4.58 -36.70
CA ASP C 125 29.75 4.60 -38.10
C ASP C 125 28.22 4.69 -38.21
N PHE C 126 27.74 5.76 -38.82
CA PHE C 126 26.31 5.98 -38.96
C PHE C 126 25.71 5.23 -40.14
N THR C 127 26.55 4.62 -40.98
CA THR C 127 26.07 4.04 -42.23
C THR C 127 25.24 2.79 -42.00
N VAL C 128 25.73 1.87 -41.16
CA VAL C 128 25.08 0.59 -40.95
C VAL C 128 24.24 0.66 -39.68
N PHE C 129 22.95 0.38 -39.82
CA PHE C 129 22.00 0.29 -38.71
C PHE C 129 21.92 1.59 -37.90
N GLY C 130 22.38 2.71 -38.47
CA GLY C 130 22.27 3.99 -37.81
C GLY C 130 23.26 4.24 -36.70
N GLY C 131 24.30 3.42 -36.56
CA GLY C 131 25.27 3.63 -35.51
C GLY C 131 24.79 3.28 -34.12
N SER C 132 23.66 2.60 -34.00
CA SER C 132 23.11 2.26 -32.69
C SER C 132 23.98 1.23 -31.99
N LEU C 133 23.98 1.29 -30.66
CA LEU C 133 24.81 0.39 -29.86
C LEU C 133 24.25 -1.02 -29.90
N SER C 134 25.14 -2.00 -30.04
CA SER C 134 24.80 -3.40 -29.88
C SER C 134 25.75 -4.05 -28.89
N GLY C 135 25.68 -5.37 -28.74
CA GLY C 135 26.65 -6.06 -27.91
C GLY C 135 28.06 -6.00 -28.46
N ALA C 136 28.20 -6.20 -29.77
CA ALA C 136 29.52 -6.21 -30.39
C ALA C 136 30.14 -4.81 -30.42
N HIS C 137 29.34 -3.80 -30.72
CA HIS C 137 29.78 -2.40 -30.66
C HIS C 137 30.39 -2.08 -29.29
N ALA C 138 29.63 -2.38 -28.24
CA ALA C 138 30.08 -2.09 -26.88
C ALA C 138 31.29 -2.95 -26.51
N GLN C 139 31.32 -4.20 -26.97
CA GLN C 139 32.46 -5.07 -26.68
C GLN C 139 33.75 -4.53 -27.29
N LYS C 140 33.69 -4.08 -28.54
CA LYS C 140 34.88 -3.53 -29.17
C LYS C 140 35.33 -2.24 -28.49
N ILE C 141 34.38 -1.36 -28.15
CA ILE C 141 34.77 -0.13 -27.46
C ILE C 141 35.38 -0.46 -26.10
N CYS C 142 34.79 -1.40 -25.36
CA CYS C 142 35.32 -1.77 -24.05
C CYS C 142 36.73 -2.33 -24.16
N LYS C 143 36.97 -3.18 -25.17
CA LYS C 143 38.32 -3.72 -25.36
C LYS C 143 39.33 -2.62 -25.65
N ILE C 144 38.96 -1.66 -26.50
CA ILE C 144 39.93 -0.60 -26.83
C ILE C 144 40.19 0.26 -25.60
N MET C 145 39.16 0.52 -24.78
CA MET C 145 39.37 1.27 -23.54
C MET C 145 40.25 0.52 -22.56
N ASP C 146 40.06 -0.81 -22.45
CA ASP C 146 40.90 -1.60 -21.57
C ASP C 146 42.36 -1.54 -21.99
N GLN C 147 42.63 -1.68 -23.28
CA GLN C 147 44.00 -1.58 -23.76
C GLN C 147 44.59 -0.20 -23.47
N ALA C 148 43.80 0.86 -23.69
CA ALA C 148 44.28 2.21 -23.41
C ALA C 148 44.64 2.39 -21.94
N ILE C 149 43.78 1.90 -21.04
CA ILE C 149 44.05 2.05 -19.61
C ILE C 149 45.27 1.22 -19.21
N THR C 150 45.46 0.05 -19.82
CA THR C 150 46.63 -0.77 -19.51
C THR C 150 47.92 -0.08 -19.93
N VAL C 151 47.98 0.40 -21.18
CA VAL C 151 49.21 0.99 -21.69
C VAL C 151 49.49 2.34 -21.04
N GLY C 152 48.47 3.18 -20.89
CA GLY C 152 48.64 4.50 -20.31
C GLY C 152 48.56 5.60 -21.35
N ALA C 153 47.66 5.45 -22.31
CA ALA C 153 47.49 6.36 -23.43
C ALA C 153 46.08 6.93 -23.41
N PRO C 154 45.87 8.10 -24.00
CA PRO C 154 44.55 8.74 -23.98
C PRO C 154 43.60 8.06 -24.97
N VAL C 155 42.34 8.51 -24.94
CA VAL C 155 41.30 8.00 -25.81
C VAL C 155 40.60 9.18 -26.50
N ILE C 156 40.41 9.08 -27.81
CA ILE C 156 39.60 10.00 -28.59
C ILE C 156 38.38 9.24 -29.09
N GLY C 157 37.19 9.80 -28.84
CA GLY C 157 35.97 9.23 -29.36
C GLY C 157 35.27 10.15 -30.33
N LEU C 158 34.86 9.61 -31.47
CA LEU C 158 34.10 10.33 -32.48
C LEU C 158 32.70 9.73 -32.52
N ASN C 159 31.70 10.53 -32.17
CA ASN C 159 30.37 10.01 -31.89
C ASN C 159 29.34 10.52 -32.89
N ASP C 160 28.61 9.59 -33.52
CA ASP C 160 27.31 9.88 -34.14
C ASP C 160 26.48 8.59 -34.12
N SER C 161 25.65 8.45 -33.09
CA SER C 161 24.87 7.24 -32.86
C SER C 161 23.41 7.59 -32.65
N GLY C 162 22.54 6.75 -33.17
CA GLY C 162 21.10 6.93 -33.03
C GLY C 162 20.51 6.46 -31.73
N GLY C 163 21.34 5.97 -30.80
CA GLY C 163 20.83 5.53 -29.51
C GLY C 163 21.20 4.09 -29.19
N ALA C 164 20.18 3.25 -29.01
CA ALA C 164 20.39 1.84 -28.70
C ALA C 164 19.44 1.01 -29.54
N ARG C 165 19.86 -0.23 -29.81
CA ARG C 165 19.03 -1.13 -30.60
C ARG C 165 17.82 -1.58 -29.80
N ILE C 166 16.68 -1.68 -30.48
CA ILE C 166 15.44 -2.12 -29.84
C ILE C 166 15.26 -3.60 -30.15
N GLN C 167 15.81 -4.03 -31.29
CA GLN C 167 15.78 -5.45 -31.64
C GLN C 167 16.58 -6.29 -30.65
N GLU C 168 17.77 -5.82 -30.27
CA GLU C 168 18.55 -6.50 -29.24
C GLU C 168 17.85 -6.43 -27.89
N GLY C 169 17.33 -5.26 -27.54
CA GLY C 169 16.59 -5.10 -26.31
C GLY C 169 17.51 -4.95 -25.12
N VAL C 170 17.24 -5.74 -24.08
CA VAL C 170 17.94 -5.60 -22.80
C VAL C 170 19.45 -5.78 -22.95
N GLU C 171 19.89 -6.52 -23.96
CA GLU C 171 21.32 -6.73 -24.16
C GLU C 171 22.04 -5.42 -24.47
N SER C 172 21.35 -4.47 -25.12
CA SER C 172 22.02 -3.22 -25.48
C SER C 172 22.30 -2.35 -24.27
N LEU C 173 21.32 -2.22 -23.37
CA LEU C 173 21.48 -1.38 -22.19
C LEU C 173 22.72 -1.78 -21.40
N ALA C 174 22.89 -3.09 -21.19
CA ALA C 174 24.07 -3.58 -20.48
C ALA C 174 25.35 -3.03 -21.08
N GLY C 175 25.44 -3.04 -22.41
CA GLY C 175 26.60 -2.51 -23.09
C GLY C 175 26.92 -1.11 -22.64
N TYR C 176 25.91 -0.23 -22.67
CA TYR C 176 26.08 1.13 -22.18
C TYR C 176 26.72 1.14 -20.81
N ALA C 177 26.15 0.37 -19.88
CA ALA C 177 26.66 0.38 -18.52
C ALA C 177 28.14 0.04 -18.50
N ASP C 178 28.54 -0.98 -19.26
CA ASP C 178 29.95 -1.35 -19.32
C ASP C 178 30.80 -0.14 -19.71
N ILE C 179 30.41 0.55 -20.79
CA ILE C 179 31.15 1.72 -21.22
C ILE C 179 31.26 2.71 -20.08
N PHE C 180 30.12 2.97 -19.42
CA PHE C 180 30.10 3.95 -18.33
C PHE C 180 31.14 3.58 -17.29
N LEU C 181 31.17 2.31 -16.88
CA LEU C 181 32.12 1.90 -15.86
C LEU C 181 33.53 2.27 -16.26
N ARG C 182 33.92 1.91 -17.49
CA ARG C 182 35.26 2.19 -17.96
C ARG C 182 35.55 3.69 -17.88
N ASN C 183 34.59 4.51 -18.31
CA ASN C 183 34.79 5.96 -18.23
C ASN C 183 35.09 6.37 -16.80
N VAL C 184 34.24 5.95 -15.86
CA VAL C 184 34.44 6.37 -14.48
C VAL C 184 35.72 5.76 -13.94
N THR C 185 36.13 4.61 -14.48
CA THR C 185 37.37 4.01 -14.02
C THR C 185 38.58 4.81 -14.48
N ALA C 186 38.51 5.41 -15.66
CA ALA C 186 39.67 6.07 -16.24
C ALA C 186 39.74 7.55 -15.88
N SER C 187 38.73 8.09 -15.21
CA SER C 187 38.68 9.52 -14.92
C SER C 187 39.79 9.88 -13.94
N GLY C 188 40.64 10.83 -14.34
CA GLY C 188 41.81 11.19 -13.57
C GLY C 188 43.03 10.33 -13.81
N VAL C 189 42.91 9.27 -14.61
CA VAL C 189 44.03 8.39 -14.92
C VAL C 189 44.61 8.70 -16.29
N ILE C 190 43.77 8.67 -17.33
CA ILE C 190 44.18 9.05 -18.67
C ILE C 190 43.21 10.12 -19.17
N PRO C 191 43.68 11.11 -19.95
CA PRO C 191 42.75 12.08 -20.52
C PRO C 191 41.85 11.43 -21.55
N GLN C 192 40.61 11.92 -21.62
CA GLN C 192 39.63 11.43 -22.57
C GLN C 192 39.05 12.62 -23.32
N ILE C 193 38.88 12.45 -24.63
CA ILE C 193 38.35 13.51 -25.49
C ILE C 193 37.16 12.95 -26.25
N SER C 194 36.10 13.75 -26.32
CA SER C 194 34.88 13.40 -27.04
C SER C 194 34.60 14.47 -28.08
N LEU C 195 34.30 14.04 -29.30
CA LEU C 195 33.92 14.93 -30.39
C LEU C 195 32.72 14.32 -31.08
N ILE C 196 31.62 15.05 -31.14
CA ILE C 196 30.36 14.54 -31.69
C ILE C 196 30.12 15.20 -33.03
N MET C 197 29.89 14.39 -34.06
CA MET C 197 29.69 14.88 -35.41
C MET C 197 28.30 14.59 -35.94
N GLY C 198 27.41 14.03 -35.13
CA GLY C 198 26.07 13.72 -35.57
C GLY C 198 25.06 13.75 -34.45
N PRO C 199 23.86 13.25 -34.72
CA PRO C 199 22.75 13.28 -33.75
C PRO C 199 22.81 12.18 -32.68
N CYS C 200 23.56 12.46 -31.62
CA CYS C 200 23.60 11.57 -30.46
C CYS C 200 22.32 11.73 -29.65
N ALA C 201 21.73 10.60 -29.24
CA ALA C 201 20.47 10.62 -28.50
C ALA C 201 20.44 9.45 -27.53
N GLY C 202 19.52 9.52 -26.57
CA GLY C 202 19.33 8.45 -25.62
C GLY C 202 20.35 8.42 -24.50
N GLY C 203 20.80 7.22 -24.12
CA GLY C 203 21.82 7.10 -23.09
C GLY C 203 23.23 7.33 -23.59
N ALA C 204 23.43 7.29 -24.92
CA ALA C 204 24.74 7.58 -25.47
C ALA C 204 25.26 8.94 -25.03
N VAL C 205 24.36 9.91 -24.85
CA VAL C 205 24.76 11.25 -24.46
C VAL C 205 25.48 11.26 -23.13
N TYR C 206 25.37 10.19 -22.34
CA TYR C 206 26.02 10.16 -21.04
C TYR C 206 27.48 9.73 -21.11
N SER C 207 27.96 9.26 -22.26
CA SER C 207 29.37 8.90 -22.36
C SER C 207 30.25 10.13 -22.56
N PRO C 208 29.92 11.04 -23.49
CA PRO C 208 30.70 12.29 -23.56
C PRO C 208 30.65 13.13 -22.30
N ALA C 209 29.59 13.01 -21.49
CA ALA C 209 29.47 13.83 -20.29
C ALA C 209 30.56 13.48 -19.27
N LEU C 210 30.86 12.19 -19.10
CA LEU C 210 31.91 11.77 -18.19
C LEU C 210 33.30 12.10 -18.72
N THR C 211 33.42 12.33 -20.02
CA THR C 211 34.69 12.70 -20.64
C THR C 211 35.16 14.06 -20.16
N ASP C 212 36.48 14.24 -20.12
CA ASP C 212 37.05 15.48 -19.61
C ASP C 212 36.68 16.68 -20.47
N PHE C 213 36.74 16.54 -21.79
CA PHE C 213 36.45 17.63 -22.71
C PHE C 213 35.50 17.15 -23.80
N THR C 214 34.58 18.02 -24.21
CA THR C 214 33.59 17.70 -25.23
C THR C 214 33.54 18.84 -26.23
N PHE C 215 33.81 18.54 -27.50
CA PHE C 215 33.77 19.51 -28.58
C PHE C 215 32.70 19.11 -29.57
N MET C 216 32.10 20.10 -30.22
CA MET C 216 31.03 19.88 -31.17
C MET C 216 31.40 20.46 -32.53
N VAL C 217 30.55 20.19 -33.51
CA VAL C 217 30.67 20.75 -34.86
C VAL C 217 29.35 21.44 -35.19
N LYS C 218 29.45 22.63 -35.79
CA LYS C 218 28.30 23.47 -36.02
C LYS C 218 27.36 22.87 -37.06
N ASP C 219 26.05 22.98 -36.79
CA ASP C 219 24.98 22.77 -37.76
C ASP C 219 24.74 21.30 -38.11
N THR C 220 25.59 20.39 -37.65
CA THR C 220 25.42 18.98 -37.97
C THR C 220 25.67 18.11 -36.74
N SER C 221 25.27 18.58 -35.57
CA SER C 221 25.55 17.85 -34.34
C SER C 221 24.51 18.21 -33.29
N TYR C 222 23.97 17.20 -32.61
CA TYR C 222 22.93 17.40 -31.62
C TYR C 222 23.22 16.57 -30.39
N LEU C 223 22.59 16.96 -29.28
CA LEU C 223 22.69 16.24 -28.01
C LEU C 223 21.39 16.46 -27.24
N PHE C 224 20.68 15.38 -26.95
CA PHE C 224 19.52 15.48 -26.08
C PHE C 224 19.13 14.11 -25.58
N ILE C 225 18.60 14.06 -24.35
CA ILE C 225 18.06 12.82 -23.81
C ILE C 225 16.76 12.46 -24.51
N THR C 226 15.89 13.45 -24.74
CA THR C 226 14.57 13.23 -25.30
C THR C 226 14.39 14.09 -26.54
N GLY C 227 13.81 13.51 -27.58
CA GLY C 227 13.62 14.20 -28.83
C GLY C 227 12.43 15.14 -28.79
N PRO C 228 12.34 16.00 -29.81
CA PRO C 228 11.24 16.98 -29.85
C PRO C 228 9.86 16.37 -29.94
N ASP C 229 9.72 15.14 -30.44
CA ASP C 229 8.39 14.55 -30.58
C ASP C 229 7.81 14.15 -29.22
N VAL C 230 8.61 13.53 -28.35
CA VAL C 230 8.11 13.22 -27.00
C VAL C 230 7.88 14.51 -26.22
N VAL C 231 8.72 15.52 -26.44
CA VAL C 231 8.52 16.82 -25.81
C VAL C 231 7.19 17.42 -26.21
N LYS C 232 6.87 17.36 -27.51
CA LYS C 232 5.58 17.86 -27.97
C LYS C 232 4.43 17.06 -27.38
N SER C 233 4.59 15.73 -27.30
CA SER C 233 3.52 14.89 -26.77
C SER C 233 3.26 15.20 -25.30
N VAL C 234 4.32 15.41 -24.51
CA VAL C 234 4.17 15.53 -23.07
C VAL C 234 3.93 16.98 -22.65
N THR C 235 4.91 17.85 -22.91
CA THR C 235 4.87 19.22 -22.43
C THR C 235 4.56 20.24 -23.52
N ASN C 236 4.25 19.78 -24.73
CA ASN C 236 3.69 20.55 -25.85
C ASN C 236 4.34 21.93 -26.01
N GLU C 237 5.64 21.93 -26.29
CA GLU C 237 6.32 23.08 -26.87
C GLU C 237 6.85 22.70 -28.25
N ASP C 238 6.75 23.63 -29.20
CA ASP C 238 7.21 23.40 -30.56
C ASP C 238 8.68 23.80 -30.65
N VAL C 239 9.54 22.79 -30.86
CA VAL C 239 10.98 23.00 -30.93
C VAL C 239 11.55 22.22 -32.10
N THR C 240 12.74 22.62 -32.52
CA THR C 240 13.49 21.92 -33.56
C THR C 240 14.67 21.18 -32.92
N GLN C 241 15.39 20.41 -33.74
CA GLN C 241 16.58 19.73 -33.24
C GLN C 241 17.71 20.71 -32.95
N GLU C 242 17.86 21.75 -33.78
CA GLU C 242 18.91 22.74 -33.54
C GLU C 242 18.64 23.53 -32.27
N GLU C 243 17.39 23.93 -32.04
CA GLU C 243 17.08 24.75 -30.87
C GLU C 243 17.16 23.95 -29.58
N LEU C 244 16.98 22.64 -29.65
CA LEU C 244 16.94 21.81 -28.45
C LEU C 244 18.24 21.06 -28.17
N GLY C 245 19.08 20.82 -29.18
CA GLY C 245 20.31 20.11 -28.93
C GLY C 245 21.49 20.58 -29.75
N GLY C 246 21.34 21.72 -30.43
CA GLY C 246 22.37 22.19 -31.33
C GLY C 246 23.64 22.61 -30.60
N ALA C 247 24.68 22.85 -31.41
CA ALA C 247 25.96 23.26 -30.86
C ALA C 247 25.87 24.61 -30.18
N LYS C 248 25.11 25.54 -30.75
CA LYS C 248 24.95 26.86 -30.15
C LYS C 248 24.32 26.77 -28.76
N THR C 249 23.29 25.93 -28.63
CA THR C 249 22.63 25.76 -27.33
C THR C 249 23.61 25.20 -26.30
N HIS C 250 24.39 24.21 -26.66
CA HIS C 250 25.27 23.56 -25.70
C HIS C 250 26.59 24.30 -25.50
N THR C 251 26.87 25.33 -26.29
CA THR C 251 28.07 26.13 -26.10
C THR C 251 27.79 27.55 -25.65
N THR C 252 26.53 27.96 -25.54
CA THR C 252 26.23 29.32 -25.10
C THR C 252 25.35 29.41 -23.86
N MET C 253 24.51 28.42 -23.58
CA MET C 253 23.59 28.53 -22.46
C MET C 253 23.55 27.33 -21.53
N SER C 254 23.98 26.14 -21.94
CA SER C 254 23.91 24.99 -21.05
C SER C 254 25.25 24.60 -20.45
N GLY C 255 26.36 25.00 -21.07
CA GLY C 255 27.67 24.65 -20.55
C GLY C 255 27.99 23.17 -20.58
N VAL C 256 27.55 22.47 -21.62
CA VAL C 256 27.84 21.04 -21.76
C VAL C 256 29.07 20.82 -22.63
N ALA C 257 29.24 21.60 -23.68
CA ALA C 257 30.39 21.49 -24.57
C ALA C 257 31.40 22.59 -24.28
N HIS C 258 32.62 22.37 -24.75
CA HIS C 258 33.74 23.26 -24.48
C HIS C 258 34.15 24.12 -25.66
N ARG C 259 33.77 23.73 -26.88
CA ARG C 259 34.15 24.46 -28.08
C ARG C 259 33.31 23.96 -29.23
N ALA C 260 33.05 24.85 -30.19
CA ALA C 260 32.34 24.51 -31.41
C ALA C 260 33.22 24.85 -32.61
N PHE C 261 33.19 24.00 -33.63
CA PHE C 261 34.01 24.17 -34.81
C PHE C 261 33.13 24.16 -36.05
N GLU C 262 33.59 24.86 -37.09
CA GLU C 262 32.75 25.12 -38.25
C GLU C 262 32.35 23.83 -38.97
N ASN C 263 33.33 23.00 -39.32
CA ASN C 263 33.05 21.75 -40.02
C ASN C 263 33.97 20.67 -39.46
N ASP C 264 34.08 19.55 -40.18
CA ASP C 264 34.82 18.39 -39.69
C ASP C 264 36.33 18.59 -39.77
N VAL C 265 36.82 19.15 -40.87
CA VAL C 265 38.27 19.21 -41.11
C VAL C 265 38.95 20.12 -40.09
N ASP C 266 38.42 21.33 -39.90
CA ASP C 266 39.05 22.24 -38.94
C ASP C 266 38.84 21.75 -37.51
N ALA C 267 37.73 21.06 -37.26
CA ALA C 267 37.54 20.43 -35.95
C ALA C 267 38.64 19.41 -35.68
N LEU C 268 39.02 18.63 -36.69
CA LEU C 268 40.08 17.64 -36.51
C LEU C 268 41.45 18.31 -36.35
N CYS C 269 41.70 19.39 -37.09
CA CYS C 269 42.95 20.13 -36.90
C CYS C 269 43.07 20.67 -35.49
N ASN C 270 42.01 21.30 -34.99
CA ASN C 270 42.02 21.84 -33.63
C ASN C 270 42.09 20.73 -32.60
N LEU C 271 41.51 19.56 -32.90
CA LEU C 271 41.70 18.42 -32.03
C LEU C 271 43.17 18.02 -31.96
N ARG C 272 43.86 18.05 -33.11
CA ARG C 272 45.26 17.63 -33.13
C ARG C 272 46.13 18.55 -32.28
N ASP C 273 45.96 19.86 -32.42
CA ASP C 273 46.86 20.72 -31.64
C ASP C 273 46.46 20.76 -30.16
N PHE C 274 45.16 20.65 -29.86
CA PHE C 274 44.76 20.48 -28.47
C PHE C 274 45.36 19.21 -27.87
N PHE C 275 45.43 18.14 -28.66
CA PHE C 275 46.11 16.93 -28.20
C PHE C 275 47.59 17.20 -27.94
N ASN C 276 48.20 18.04 -28.77
CA ASN C 276 49.59 18.41 -28.55
C ASN C 276 49.77 19.11 -27.21
N TYR C 277 48.77 19.84 -26.74
CA TYR C 277 48.89 20.50 -25.43
C TYR C 277 49.01 19.49 -24.28
N LEU C 278 48.21 18.41 -24.32
CA LEU C 278 47.97 17.55 -23.17
C LEU C 278 49.07 16.51 -22.97
N PRO C 279 49.24 16.02 -21.75
CA PRO C 279 50.11 14.86 -21.50
C PRO C 279 49.36 13.55 -21.76
N LEU C 280 50.06 12.45 -21.53
CA LEU C 280 49.49 11.13 -21.81
C LEU C 280 48.84 10.47 -20.61
N SER C 281 49.40 10.61 -19.42
CA SER C 281 48.78 10.03 -18.23
C SER C 281 49.22 10.82 -17.01
N SER C 282 48.51 10.61 -15.90
CA SER C 282 48.78 11.33 -14.67
C SER C 282 50.11 10.96 -14.05
N GLN C 283 50.68 9.82 -14.43
CA GLN C 283 52.04 9.50 -14.01
C GLN C 283 53.05 10.48 -14.61
N ASP C 284 52.83 10.88 -15.85
CA ASP C 284 53.75 11.72 -16.60
C ASP C 284 53.59 13.19 -16.22
N PRO C 285 54.67 13.96 -16.29
CA PRO C 285 54.57 15.40 -16.04
C PRO C 285 54.03 16.14 -17.26
N ALA C 286 53.70 17.41 -17.04
CA ALA C 286 53.15 18.25 -18.11
C ALA C 286 54.20 18.46 -19.19
N PRO C 287 53.84 18.33 -20.47
CA PRO C 287 54.85 18.33 -21.53
C PRO C 287 55.59 19.65 -21.64
N VAL C 288 56.84 19.55 -22.09
CA VAL C 288 57.68 20.72 -22.35
C VAL C 288 58.15 20.63 -23.80
N ARG C 289 57.97 21.71 -24.54
CA ARG C 289 58.29 21.79 -25.96
C ARG C 289 59.44 22.76 -26.18
N GLU C 290 60.25 22.48 -27.19
CA GLU C 290 61.33 23.40 -27.55
C GLU C 290 60.75 24.75 -27.95
N CYS C 291 61.30 25.81 -27.40
CA CYS C 291 60.76 27.15 -27.56
C CYS C 291 61.85 28.11 -28.05
N HIS C 292 61.43 29.12 -28.79
CA HIS C 292 62.32 30.17 -29.27
C HIS C 292 61.99 31.52 -28.64
C11 BTN D . 3.94 9.28 -23.78
O11 BTN D . 4.31 9.62 -24.92
C10 BTN D . 4.61 8.12 -23.10
C9 BTN D . 5.54 8.62 -21.98
C8 BTN D . 6.40 9.81 -22.50
C7 BTN D . 7.88 9.57 -22.15
C2 BTN D . 8.03 9.24 -20.55
S1 BTN D . 7.94 10.47 -19.80
C6 BTN D . 9.16 10.43 -18.59
C5 BTN D . 10.15 9.41 -18.96
N1 BTN D . 11.30 10.02 -19.35
C3 BTN D . 11.54 9.69 -20.80
O3 BTN D . 12.47 10.06 -21.46
N2 BTN D . 10.38 8.78 -21.27
C4 BTN D . 9.56 8.60 -20.24
#